data_5GQX
#
_entry.id   5GQX
#
_cell.length_a   134.025
_cell.length_b   134.025
_cell.length_c   185.060
_cell.angle_alpha   90.00
_cell.angle_beta   90.00
_cell.angle_gamma   90.00
#
_symmetry.space_group_name_H-M   'P 41 21 2'
#
loop_
_entity.id
_entity.type
_entity.pdbx_description
1 polymer '1,4-alpha-glucan branching enzyme GlgB'
2 branched alpha-D-glucopyranose-(1-4)-alpha-D-glucopyranose-(1-4)-alpha-D-glucopyranose-(1-4)-alpha-D-glucopyranose-(1-4)-alpha-D-glucopyranose-(1-4)-alpha-D-glucopyranose-(1-4)-alpha-D-glucopyranose
3 branched alpha-D-glucopyranose-(1-4)-alpha-D-glucopyranose-(1-4)-alpha-D-glucopyranose-(1-4)-alpha-D-glucopyranose
4 branched alpha-D-glucopyranose-(1-4)-alpha-D-glucopyranose-(1-4)-alpha-D-glucopyranose
5 non-polymer GLYCEROL
6 non-polymer 'MAGNESIUM ION'
7 water water
#
_entity_poly.entity_id   1
_entity_poly.type   'polypeptide(L)'
_entity_poly.pdbx_seq_one_letter_code
;MGSSHHHHHHSSGLVPRGSHMTTTISADQVNQIIYNLHHDPFEILGCHLLEEGKNTKKWVVRAYLPKAEAAWVIRPTERK
EDPMNSVHHPNFFECIIETPELNHYQLKVKEGEHEKVIYDPYAFSSPYLTDEDIYLFSEGNHHRIYEKLGAHVGEINGVK
GVYFAVWAPNARNVSVIGDFNNWDGREHQMRKRNYTIWELFVPEIGSGTVYKYEIKNSEGHIYEKSDPYGFYREVRPNTA
SIVVDIDNIYQWHDEEWLEKRRNSDPLKQPVSVYEVHLGSWLHGSSAEKMPLLNGEADPVIVSEWNPGARFLSYYELAEK
LIPYVKDMGYTHIELLPIAEHPFDGSWGYQVTGFYSPTSRFGRPEDFMYFVDKCHENGIGVILDWVPGHFPKDSHGLAYF
DGTHLYEHADPRIGEHKEWGTLVFNYGRHEVRNFLVANVLFWFDKYHVDGIRVDAVASMLYRNYLRKEGEWIANEYGGDE
HIEAVSFIREVNTLLFEYFPGILSIAEESTEWEKVSRPVYDGGLGFNLKWDMGWMHDMLDYFNIDPYFRQYHQNNVTFSM
LYYYNENFMLALSHDEIVHGKSNMLGKMPGDEWQKYANVRALFTYMYTHPGKKTMFMSMEFGQWSEWNVNGDLEWHLLQY
EPHQQLKQFFTDLNALYQQEPALYTHDFEYHGFEWIDCNDNTHSVVSFLRRSDDPNDSLVVVCNFTPQPHSHYRIGVPEA
GYYVELFNSDAKQYGGSNMGNLGGKWADEWSFHNKPYSLDLCLPPLAVLILKLDPTKVPEGTTIKEIAADEEE
;
_entity_poly.pdbx_strand_id   A
#
loop_
_chem_comp.id
_chem_comp.type
_chem_comp.name
_chem_comp.formula
GLC D-saccharide, alpha linking alpha-D-glucopyranose 'C6 H12 O6'
GOL non-polymer GLYCEROL 'C3 H8 O3'
MG non-polymer 'MAGNESIUM ION' 'Mg 2'
#
# COMPACT_ATOMS: atom_id res chain seq x y z
N ILE A 25 -33.98 -24.63 -9.54
CA ILE A 25 -33.81 -25.89 -8.74
C ILE A 25 -35.02 -26.40 -7.87
N SER A 26 -35.09 -27.69 -7.55
CA SER A 26 -36.15 -28.24 -6.72
C SER A 26 -35.92 -28.04 -5.18
N ALA A 27 -37.01 -28.03 -4.43
CA ALA A 27 -36.97 -27.81 -2.97
C ALA A 27 -36.22 -28.95 -2.29
N ASP A 28 -36.34 -30.12 -2.88
CA ASP A 28 -35.59 -31.28 -2.34
C ASP A 28 -34.09 -31.15 -2.48
N GLN A 29 -33.63 -30.67 -3.61
CA GLN A 29 -32.19 -30.36 -3.80
C GLN A 29 -31.77 -29.26 -2.83
N VAL A 30 -32.59 -28.21 -2.66
CA VAL A 30 -32.27 -27.17 -1.66
C VAL A 30 -32.17 -27.71 -0.24
N ASN A 31 -33.13 -28.53 0.10
CA ASN A 31 -33.08 -29.15 1.43
C ASN A 31 -31.96 -30.06 1.63
N GLN A 32 -31.53 -30.73 0.57
CA GLN A 32 -30.32 -31.53 0.73
C GLN A 32 -29.10 -30.66 1.07
N ILE A 33 -29.02 -29.45 0.54
CA ILE A 33 -27.92 -28.56 0.93
C ILE A 33 -28.08 -28.06 2.36
N ILE A 34 -29.29 -27.63 2.69
CA ILE A 34 -29.56 -27.00 4.00
C ILE A 34 -29.28 -27.98 5.11
N TYR A 35 -29.67 -29.25 4.96
CA TYR A 35 -29.45 -30.23 6.05
C TYR A 35 -28.17 -31.07 5.82
N ASN A 36 -27.31 -30.64 4.90
CA ASN A 36 -26.01 -31.28 4.76
C ASN A 36 -26.10 -32.79 4.37
N LEU A 37 -27.10 -33.13 3.56
CA LEU A 37 -27.26 -34.44 3.02
C LEU A 37 -26.73 -34.53 1.60
N HIS A 38 -26.34 -33.43 0.96
CA HIS A 38 -26.03 -33.52 -0.45
C HIS A 38 -24.67 -34.12 -0.64
N HIS A 39 -24.51 -34.98 -1.66
CA HIS A 39 -23.23 -35.70 -1.85
C HIS A 39 -22.13 -34.81 -2.37
N ASP A 40 -22.48 -33.77 -3.11
CA ASP A 40 -21.45 -32.83 -3.57
C ASP A 40 -22.04 -31.44 -3.90
N PRO A 41 -21.93 -30.50 -2.96
CA PRO A 41 -22.56 -29.20 -3.13
C PRO A 41 -22.07 -28.42 -4.31
N PHE A 42 -20.88 -28.76 -4.84
CA PHE A 42 -20.41 -28.13 -6.10
C PHE A 42 -21.24 -28.35 -7.31
N GLU A 43 -22.06 -29.38 -7.25
CA GLU A 43 -22.96 -29.67 -8.35
C GLU A 43 -24.05 -28.57 -8.52
N ILE A 44 -24.40 -27.91 -7.41
CA ILE A 44 -25.57 -27.02 -7.25
C ILE A 44 -25.08 -25.56 -6.97
N LEU A 45 -24.16 -25.40 -6.03
CA LEU A 45 -23.54 -24.09 -5.64
C LEU A 45 -22.45 -23.63 -6.56
N GLY A 46 -22.21 -22.34 -6.59
CA GLY A 46 -21.28 -21.76 -7.51
C GLY A 46 -21.94 -21.40 -8.84
N CYS A 47 -21.17 -21.40 -9.92
CA CYS A 47 -21.62 -20.90 -11.17
C CYS A 47 -21.80 -22.06 -12.12
N HIS A 48 -22.97 -22.18 -12.74
CA HIS A 48 -23.19 -23.30 -13.67
C HIS A 48 -23.86 -22.77 -14.94
N LEU A 49 -23.44 -23.31 -16.06
CA LEU A 49 -24.00 -22.93 -17.37
C LEU A 49 -25.40 -23.45 -17.52
N LEU A 50 -26.39 -22.62 -17.80
CA LEU A 50 -27.71 -23.11 -18.06
C LEU A 50 -27.88 -23.28 -19.57
N GLU A 51 -27.55 -22.30 -20.40
CA GLU A 51 -27.63 -22.53 -21.84
C GLU A 51 -26.82 -21.56 -22.69
N GLU A 52 -26.59 -21.93 -23.96
CA GLU A 52 -25.90 -21.05 -24.89
C GLU A 52 -26.86 -20.39 -25.85
N GLY A 53 -26.79 -19.07 -26.00
CA GLY A 53 -27.56 -18.37 -27.01
C GLY A 53 -26.65 -18.11 -28.19
N LYS A 54 -27.07 -17.25 -29.10
CA LYS A 54 -26.24 -16.96 -30.25
C LYS A 54 -25.00 -16.19 -29.82
N ASN A 55 -25.18 -15.07 -29.14
CA ASN A 55 -24.01 -14.23 -28.81
C ASN A 55 -23.60 -14.21 -27.34
N THR A 56 -24.31 -14.99 -26.52
CA THR A 56 -24.18 -14.94 -25.14
C THR A 56 -24.55 -16.26 -24.50
N LYS A 57 -24.45 -16.33 -23.18
CA LYS A 57 -24.81 -17.54 -22.50
C LYS A 57 -25.61 -17.17 -21.26
N LYS A 58 -26.32 -18.13 -20.70
CA LYS A 58 -27.12 -17.87 -19.54
C LYS A 58 -26.55 -18.75 -18.41
N TRP A 59 -26.30 -18.14 -17.27
CA TRP A 59 -25.65 -18.79 -16.16
C TRP A 59 -26.52 -18.69 -14.95
N VAL A 60 -26.40 -19.65 -14.06
CA VAL A 60 -26.96 -19.45 -12.76
C VAL A 60 -25.80 -19.51 -11.73
N VAL A 61 -25.78 -18.54 -10.82
CA VAL A 61 -25.01 -18.62 -9.60
C VAL A 61 -25.91 -18.96 -8.41
N ARG A 62 -25.50 -19.92 -7.60
CA ARG A 62 -26.17 -20.24 -6.43
C ARG A 62 -25.26 -20.22 -5.19
N ALA A 63 -25.84 -19.88 -4.05
CA ALA A 63 -25.15 -19.79 -2.80
C ALA A 63 -26.04 -20.13 -1.66
N TYR A 64 -25.48 -20.78 -0.66
CA TYR A 64 -26.14 -21.05 0.58
C TYR A 64 -25.46 -20.19 1.61
N LEU A 65 -26.16 -19.22 2.18
CA LEU A 65 -25.60 -18.17 3.02
C LEU A 65 -26.42 -18.12 4.31
N PRO A 66 -26.09 -19.01 5.25
CA PRO A 66 -26.91 -19.12 6.44
C PRO A 66 -26.84 -17.76 7.15
N LYS A 67 -27.93 -17.29 7.68
CA LYS A 67 -27.88 -15.92 8.29
C LYS A 67 -27.88 -14.70 7.36
N ALA A 68 -27.82 -14.88 6.04
CA ALA A 68 -27.98 -13.72 5.16
C ALA A 68 -29.46 -13.53 4.79
N GLU A 69 -29.95 -12.32 4.84
CA GLU A 69 -31.30 -11.99 4.32
C GLU A 69 -31.28 -11.66 2.85
N ALA A 70 -30.16 -11.12 2.35
CA ALA A 70 -30.05 -10.71 0.98
C ALA A 70 -28.64 -10.88 0.46
N ALA A 71 -28.52 -10.93 -0.86
CA ALA A 71 -27.25 -11.12 -1.50
C ALA A 71 -27.31 -10.67 -2.91
N TRP A 72 -26.14 -10.41 -3.49
CA TRP A 72 -26.02 -9.91 -4.86
C TRP A 72 -24.75 -10.56 -5.47
N VAL A 73 -24.78 -10.73 -6.78
CA VAL A 73 -23.66 -11.08 -7.59
C VAL A 73 -23.11 -9.79 -8.22
N ILE A 74 -21.89 -9.46 -7.88
CA ILE A 74 -21.18 -8.34 -8.43
C ILE A 74 -20.30 -8.80 -9.56
N ARG A 75 -20.36 -8.10 -10.68
CA ARG A 75 -19.42 -8.33 -11.81
C ARG A 75 -18.65 -7.04 -11.92
N PRO A 76 -17.64 -6.92 -11.06
CA PRO A 76 -16.99 -5.64 -10.89
C PRO A 76 -16.24 -5.21 -12.15
N THR A 77 -15.79 -6.14 -12.97
CA THR A 77 -15.13 -5.68 -14.18
C THR A 77 -16.09 -5.25 -15.28
N GLU A 78 -17.38 -5.57 -15.19
CA GLU A 78 -18.33 -5.13 -16.19
C GLU A 78 -19.09 -3.98 -15.58
N ARG A 79 -18.85 -3.65 -14.30
CA ARG A 79 -19.60 -2.61 -13.59
C ARG A 79 -21.09 -3.02 -13.42
N LYS A 80 -21.37 -4.29 -13.13
CA LYS A 80 -22.71 -4.66 -12.90
C LYS A 80 -22.92 -5.28 -11.58
N GLU A 81 -24.17 -5.18 -11.14
CA GLU A 81 -24.58 -5.87 -9.96
C GLU A 81 -26.00 -6.39 -10.13
N ASP A 82 -26.23 -7.64 -9.73
CA ASP A 82 -27.49 -8.33 -9.88
C ASP A 82 -27.95 -8.88 -8.56
N PRO A 83 -29.23 -8.70 -8.22
CA PRO A 83 -29.60 -9.27 -6.92
C PRO A 83 -29.82 -10.75 -7.06
N MET A 84 -29.63 -11.43 -5.97
CA MET A 84 -29.94 -12.86 -5.92
C MET A 84 -31.34 -12.94 -5.26
N ASN A 85 -32.05 -13.99 -5.57
CA ASN A 85 -33.30 -14.27 -4.91
C ASN A 85 -33.29 -15.51 -4.06
N SER A 86 -33.95 -15.46 -2.93
CA SER A 86 -34.14 -16.68 -2.15
C SER A 86 -35.01 -17.67 -2.96
N VAL A 87 -34.65 -18.95 -2.90
CA VAL A 87 -35.34 -19.97 -3.63
C VAL A 87 -35.49 -21.22 -2.74
N HIS A 88 -36.75 -21.50 -2.40
CA HIS A 88 -37.22 -22.58 -1.46
C HIS A 88 -36.85 -22.43 0.00
N HIS A 89 -35.88 -21.58 0.32
CA HIS A 89 -35.48 -21.38 1.65
C HIS A 89 -34.88 -20.00 1.73
N PRO A 90 -35.05 -19.31 2.84
CA PRO A 90 -34.68 -17.87 2.90
C PRO A 90 -33.17 -17.59 2.77
N ASN A 91 -32.33 -18.58 3.08
CA ASN A 91 -30.91 -18.44 2.96
C ASN A 91 -30.29 -19.18 1.81
N PHE A 92 -31.11 -19.70 0.91
CA PHE A 92 -30.59 -20.35 -0.27
C PHE A 92 -30.92 -19.39 -1.44
N PHE A 93 -29.89 -18.93 -2.19
CA PHE A 93 -30.00 -17.89 -3.17
C PHE A 93 -29.60 -18.36 -4.55
N GLU A 94 -30.24 -17.76 -5.54
CA GLU A 94 -30.00 -18.05 -6.94
C GLU A 94 -30.04 -16.73 -7.69
N CYS A 95 -29.23 -16.64 -8.74
CA CYS A 95 -29.20 -15.49 -9.59
C CYS A 95 -28.89 -15.97 -11.00
N ILE A 96 -29.72 -15.55 -11.96
CA ILE A 96 -29.54 -15.86 -13.37
C ILE A 96 -28.99 -14.65 -14.09
N ILE A 97 -27.91 -14.85 -14.81
CA ILE A 97 -27.21 -13.79 -15.49
C ILE A 97 -26.93 -14.21 -16.93
N GLU A 98 -27.12 -13.30 -17.88
CA GLU A 98 -26.76 -13.55 -19.30
C GLU A 98 -25.52 -12.76 -19.66
N THR A 99 -24.48 -13.45 -20.06
CA THR A 99 -23.27 -12.81 -20.42
C THR A 99 -22.43 -13.83 -21.11
N PRO A 100 -21.52 -13.40 -22.00
CA PRO A 100 -20.78 -14.48 -22.73
C PRO A 100 -19.95 -15.33 -21.84
N GLU A 101 -19.44 -14.76 -20.77
CA GLU A 101 -18.50 -15.46 -19.92
C GLU A 101 -18.71 -14.96 -18.52
N LEU A 102 -18.83 -15.82 -17.55
CA LEU A 102 -18.89 -15.34 -16.22
C LEU A 102 -17.65 -15.75 -15.40
N ASN A 103 -16.55 -15.10 -15.67
CA ASN A 103 -15.26 -15.49 -15.04
C ASN A 103 -14.97 -14.68 -13.79
N HIS A 104 -15.43 -13.42 -13.71
CA HIS A 104 -14.99 -12.50 -12.72
C HIS A 104 -16.22 -12.05 -11.97
N TYR A 105 -16.46 -12.63 -10.82
CA TYR A 105 -17.45 -12.12 -9.93
C TYR A 105 -17.18 -12.29 -8.45
N GLN A 106 -17.98 -11.52 -7.69
CA GLN A 106 -17.99 -11.62 -6.25
C GLN A 106 -19.42 -11.71 -5.75
N LEU A 107 -19.56 -12.19 -4.52
CA LEU A 107 -20.83 -12.24 -3.81
C LEU A 107 -20.80 -11.16 -2.76
N LYS A 108 -21.89 -10.37 -2.75
CA LYS A 108 -22.15 -9.38 -1.68
C LYS A 108 -23.23 -9.98 -0.82
N VAL A 109 -22.96 -10.03 0.49
CA VAL A 109 -23.76 -10.78 1.44
C VAL A 109 -24.22 -9.93 2.59
N LYS A 110 -25.53 -9.82 2.75
CA LYS A 110 -26.06 -8.99 3.83
C LYS A 110 -26.64 -9.78 4.97
N GLU A 111 -26.09 -9.63 6.15
CA GLU A 111 -26.47 -10.30 7.39
C GLU A 111 -26.82 -9.19 8.37
N GLY A 112 -28.11 -9.07 8.69
CA GLY A 112 -28.60 -7.96 9.49
C GLY A 112 -28.22 -6.64 8.87
N GLU A 113 -27.56 -5.78 9.62
CA GLU A 113 -27.12 -4.46 9.11
C GLU A 113 -25.73 -4.46 8.36
N HIS A 114 -25.10 -5.63 8.26
CA HIS A 114 -23.77 -5.75 7.70
C HIS A 114 -23.70 -6.41 6.36
N GLU A 115 -22.85 -5.83 5.51
CA GLU A 115 -22.45 -6.44 4.27
C GLU A 115 -20.99 -6.75 4.18
N LYS A 116 -20.72 -7.89 3.56
CA LYS A 116 -19.40 -8.24 3.14
C LYS A 116 -19.41 -8.62 1.67
N VAL A 117 -18.23 -8.51 1.07
CA VAL A 117 -18.01 -8.88 -0.30
C VAL A 117 -16.86 -9.89 -0.35
N ILE A 118 -17.15 -11.08 -0.91
CA ILE A 118 -16.28 -12.19 -0.94
C ILE A 118 -16.26 -12.83 -2.31
N TYR A 119 -15.25 -13.64 -2.58
CA TYR A 119 -15.31 -14.55 -3.70
C TYR A 119 -16.23 -15.74 -3.39
N ASP A 120 -16.80 -16.32 -4.44
CA ASP A 120 -17.76 -17.37 -4.27
C ASP A 120 -16.96 -18.55 -3.61
N PRO A 121 -17.36 -19.04 -2.43
CA PRO A 121 -16.64 -20.23 -1.89
C PRO A 121 -16.76 -21.46 -2.75
N TYR A 122 -17.69 -21.50 -3.72
CA TYR A 122 -17.79 -22.65 -4.60
C TYR A 122 -17.34 -22.36 -5.98
N ALA A 123 -16.45 -21.40 -6.14
CA ALA A 123 -15.95 -21.08 -7.47
C ALA A 123 -15.20 -22.20 -8.17
N PHE A 124 -14.38 -22.93 -7.46
CA PHE A 124 -13.47 -23.92 -8.09
C PHE A 124 -13.75 -25.29 -7.53
N SER A 125 -14.33 -26.15 -8.34
CA SER A 125 -14.53 -27.56 -7.94
C SER A 125 -13.30 -28.43 -7.82
N SER A 126 -12.27 -28.15 -8.62
CA SER A 126 -11.02 -28.95 -8.45
C SER A 126 -9.77 -28.11 -8.19
N PRO A 127 -8.76 -28.72 -7.66
CA PRO A 127 -7.49 -28.16 -7.34
C PRO A 127 -6.64 -28.02 -8.59
N TYR A 128 -6.94 -28.77 -9.63
CA TYR A 128 -6.13 -28.77 -10.83
C TYR A 128 -6.56 -27.73 -11.83
N LEU A 129 -5.65 -27.43 -12.74
CA LEU A 129 -5.96 -26.48 -13.75
C LEU A 129 -6.99 -27.06 -14.76
N THR A 130 -8.06 -26.33 -15.03
CA THR A 130 -9.02 -26.66 -16.07
C THR A 130 -8.57 -26.04 -17.40
N ASP A 131 -9.17 -26.44 -18.49
CA ASP A 131 -9.02 -25.70 -19.77
C ASP A 131 -9.33 -24.24 -19.67
N GLU A 132 -10.40 -23.89 -19.00
CA GLU A 132 -10.72 -22.50 -18.78
C GLU A 132 -9.53 -21.75 -18.05
N ASP A 133 -8.98 -22.31 -16.97
CA ASP A 133 -7.87 -21.66 -16.28
C ASP A 133 -6.75 -21.37 -17.27
N ILE A 134 -6.42 -22.36 -18.11
CA ILE A 134 -5.28 -22.25 -19.02
C ILE A 134 -5.58 -21.20 -20.07
N TYR A 135 -6.80 -21.23 -20.59
CA TYR A 135 -7.14 -20.26 -21.59
C TYR A 135 -7.06 -18.82 -21.03
N LEU A 136 -7.69 -18.58 -19.87
CA LEU A 136 -7.67 -17.22 -19.33
C LEU A 136 -6.21 -16.75 -19.04
N PHE A 137 -5.42 -17.64 -18.49
CA PHE A 137 -4.01 -17.31 -18.21
C PHE A 137 -3.26 -16.96 -19.50
N SER A 138 -3.46 -17.75 -20.54
CA SER A 138 -2.82 -17.49 -21.86
C SER A 138 -3.17 -16.14 -22.47
N GLU A 139 -4.32 -15.63 -22.07
CA GLU A 139 -4.74 -14.29 -22.48
C GLU A 139 -4.33 -13.20 -21.50
N GLY A 140 -3.79 -13.61 -20.37
CA GLY A 140 -3.41 -12.62 -19.39
C GLY A 140 -4.56 -12.16 -18.51
N ASN A 141 -5.68 -12.90 -18.42
CA ASN A 141 -6.90 -12.44 -17.73
C ASN A 141 -7.38 -13.32 -16.56
N HIS A 142 -6.49 -14.14 -16.03
CA HIS A 142 -6.86 -14.98 -14.92
C HIS A 142 -6.58 -14.26 -13.58
N HIS A 143 -7.54 -13.44 -13.11
CA HIS A 143 -7.45 -12.65 -11.91
C HIS A 143 -7.19 -13.43 -10.62
N ARG A 144 -7.40 -14.73 -10.71
CA ARG A 144 -7.21 -15.60 -9.56
C ARG A 144 -6.25 -16.74 -9.88
N ILE A 145 -5.30 -16.50 -10.79
CA ILE A 145 -4.37 -17.59 -11.22
C ILE A 145 -3.67 -18.27 -10.03
N TYR A 146 -3.44 -17.54 -8.96
CA TYR A 146 -2.73 -18.06 -7.82
C TYR A 146 -3.54 -19.02 -7.03
N GLU A 147 -4.81 -19.26 -7.47
CA GLU A 147 -5.54 -20.37 -6.85
C GLU A 147 -5.08 -21.70 -7.46
N LYS A 148 -4.40 -21.67 -8.61
CA LYS A 148 -4.07 -22.91 -9.31
C LYS A 148 -2.57 -23.08 -9.63
N LEU A 149 -1.88 -21.99 -9.96
CA LEU A 149 -0.42 -22.02 -9.99
C LEU A 149 0.17 -21.90 -8.59
N GLY A 150 1.36 -22.49 -8.39
CA GLY A 150 2.00 -22.58 -7.12
C GLY A 150 1.78 -23.94 -6.52
N ALA A 151 1.53 -23.96 -5.22
CA ALA A 151 1.36 -25.24 -4.49
C ALA A 151 0.11 -25.10 -3.62
N HIS A 152 -0.86 -26.01 -3.76
CA HIS A 152 -2.09 -26.00 -2.97
C HIS A 152 -2.41 -27.38 -2.46
N VAL A 153 -2.90 -27.41 -1.25
CA VAL A 153 -3.32 -28.63 -0.58
C VAL A 153 -4.65 -29.00 -1.23
N GLY A 154 -4.86 -30.23 -1.64
CA GLY A 154 -6.16 -30.68 -2.16
C GLY A 154 -6.33 -32.16 -2.30
N GLU A 155 -7.32 -32.58 -3.06
CA GLU A 155 -7.64 -34.00 -3.24
C GLU A 155 -7.78 -34.28 -4.71
N ILE A 156 -7.09 -35.31 -5.18
CA ILE A 156 -7.19 -35.77 -6.54
C ILE A 156 -7.20 -37.29 -6.45
N ASN A 157 -8.05 -37.91 -7.26
CA ASN A 157 -8.27 -39.35 -7.18
C ASN A 157 -8.56 -39.89 -5.81
N GLY A 158 -9.29 -39.15 -5.01
CA GLY A 158 -9.62 -39.61 -3.67
C GLY A 158 -8.51 -39.56 -2.63
N VAL A 159 -7.36 -38.94 -2.92
CA VAL A 159 -6.17 -38.94 -2.01
C VAL A 159 -5.73 -37.47 -1.77
N LYS A 160 -5.50 -37.19 -0.51
CA LYS A 160 -5.14 -35.88 -0.05
C LYS A 160 -3.64 -35.71 -0.39
N GLY A 161 -3.23 -34.51 -0.75
CA GLY A 161 -1.82 -34.24 -1.12
C GLY A 161 -1.67 -32.78 -1.51
N VAL A 162 -0.70 -32.50 -2.37
CA VAL A 162 -0.41 -31.15 -2.83
C VAL A 162 -0.32 -31.20 -4.32
N TYR A 163 -0.98 -30.25 -4.96
CA TYR A 163 -0.91 -30.03 -6.38
C TYR A 163 0.09 -28.88 -6.68
N PHE A 164 1.03 -29.14 -7.57
CA PHE A 164 2.07 -28.15 -7.92
C PHE A 164 1.87 -27.82 -9.38
N ALA A 165 1.98 -26.53 -9.72
CA ALA A 165 1.95 -26.16 -11.11
C ALA A 165 2.76 -24.91 -11.35
N VAL A 166 3.45 -24.86 -12.49
CA VAL A 166 4.38 -23.82 -12.80
C VAL A 166 4.45 -23.53 -14.27
N TRP A 167 4.45 -22.25 -14.65
CA TRP A 167 4.53 -21.87 -16.02
C TRP A 167 5.98 -21.90 -16.46
N ALA A 168 6.28 -22.64 -17.52
CA ALA A 168 7.70 -22.81 -18.00
C ALA A 168 7.72 -23.45 -19.36
N PRO A 169 7.28 -22.66 -20.36
CA PRO A 169 6.89 -23.23 -21.64
C PRO A 169 8.03 -23.79 -22.46
N ASN A 170 9.26 -23.29 -22.24
CA ASN A 170 10.40 -23.75 -23.05
C ASN A 170 11.26 -24.66 -22.25
N ALA A 171 10.87 -25.07 -21.03
CA ALA A 171 11.67 -26.06 -20.34
C ALA A 171 11.65 -27.39 -21.10
N ARG A 172 12.69 -28.22 -20.96
CA ARG A 172 12.63 -29.57 -21.53
C ARG A 172 12.04 -30.50 -20.52
N ASN A 173 12.29 -30.26 -19.25
CA ASN A 173 11.62 -31.05 -18.21
C ASN A 173 11.53 -30.24 -16.93
N VAL A 174 10.62 -30.60 -16.01
CA VAL A 174 10.54 -30.03 -14.70
C VAL A 174 10.15 -31.11 -13.75
N SER A 175 10.77 -31.11 -12.58
CA SER A 175 10.46 -32.04 -11.52
C SER A 175 10.29 -31.29 -10.20
N VAL A 176 9.56 -31.85 -9.25
CA VAL A 176 9.49 -31.28 -7.97
C VAL A 176 10.53 -31.95 -7.08
N ILE A 177 11.46 -31.15 -6.55
CA ILE A 177 12.41 -31.59 -5.50
C ILE A 177 12.09 -31.03 -4.14
N GLY A 178 12.28 -31.81 -3.09
CA GLY A 178 12.00 -31.32 -1.78
C GLY A 178 12.34 -32.26 -0.68
N ASP A 179 11.92 -31.92 0.54
CA ASP A 179 12.26 -32.70 1.70
C ASP A 179 11.73 -34.14 1.51
N PHE A 180 10.52 -34.27 1.00
CA PHE A 180 9.81 -35.54 0.86
C PHE A 180 10.47 -36.50 -0.16
N ASN A 181 11.31 -36.05 -1.08
CA ASN A 181 12.00 -37.03 -1.89
C ASN A 181 13.51 -36.85 -1.79
N ASN A 182 13.99 -36.31 -0.67
CA ASN A 182 15.43 -35.99 -0.50
C ASN A 182 16.06 -35.28 -1.65
N TRP A 183 15.28 -34.40 -2.28
CA TRP A 183 15.84 -33.45 -3.24
C TRP A 183 16.26 -34.19 -4.46
N ASP A 184 15.70 -35.36 -4.64
CA ASP A 184 15.89 -36.07 -5.87
C ASP A 184 14.54 -36.14 -6.63
N GLY A 185 14.48 -35.59 -7.82
CA GLY A 185 13.20 -35.46 -8.49
C GLY A 185 12.78 -36.54 -9.46
N ARG A 186 13.51 -37.66 -9.52
CA ARG A 186 13.32 -38.58 -10.66
C ARG A 186 11.95 -39.26 -10.71
N GLU A 187 11.34 -39.46 -9.58
CA GLU A 187 10.00 -40.00 -9.55
C GLU A 187 8.91 -38.94 -9.32
N HIS A 188 9.26 -37.65 -9.45
CA HIS A 188 8.30 -36.57 -9.36
C HIS A 188 8.50 -35.62 -10.52
N GLN A 189 8.53 -36.20 -11.69
CA GLN A 189 8.61 -35.45 -12.89
C GLN A 189 7.22 -35.01 -13.19
N MET A 190 7.09 -33.81 -13.73
CA MET A 190 5.85 -33.11 -13.92
C MET A 190 5.39 -33.31 -15.34
N ARG A 191 4.12 -33.04 -15.54
CA ARG A 191 3.48 -33.30 -16.76
C ARG A 191 3.18 -31.98 -17.41
N LYS A 192 3.54 -31.84 -18.63
CA LYS A 192 3.35 -30.60 -19.26
C LYS A 192 1.98 -30.46 -19.93
N ARG A 193 1.31 -29.31 -19.79
CA ARG A 193 -0.01 -29.13 -20.37
C ARG A 193 -0.05 -28.03 -21.33
N ASN A 194 -0.72 -28.31 -22.45
CA ASN A 194 -0.85 -27.37 -23.53
C ASN A 194 0.44 -26.61 -23.87
N TYR A 195 1.58 -27.28 -23.83
CA TYR A 195 2.84 -26.62 -24.21
C TYR A 195 3.25 -25.42 -23.30
N THR A 196 2.74 -25.31 -22.08
CA THR A 196 2.91 -24.07 -21.36
C THR A 196 3.15 -24.28 -19.88
N ILE A 197 2.36 -25.11 -19.20
CA ILE A 197 2.42 -25.24 -17.75
C ILE A 197 2.64 -26.68 -17.33
N TRP A 198 3.48 -26.88 -16.32
CA TRP A 198 3.85 -28.19 -15.81
C TRP A 198 3.06 -28.41 -14.54
N GLU A 199 2.54 -29.61 -14.33
CA GLU A 199 1.79 -29.89 -13.12
C GLU A 199 2.15 -31.21 -12.56
N LEU A 200 1.88 -31.39 -11.27
CA LEU A 200 2.01 -32.68 -10.66
C LEU A 200 1.26 -32.63 -9.32
N PHE A 201 0.62 -33.74 -9.03
CA PHE A 201 -0.01 -34.02 -7.79
C PHE A 201 0.86 -34.98 -7.03
N VAL A 202 1.12 -34.67 -5.76
CA VAL A 202 1.93 -35.49 -4.90
C VAL A 202 1.13 -35.90 -3.71
N PRO A 203 0.84 -37.18 -3.56
CA PRO A 203 -0.07 -37.58 -2.50
C PRO A 203 0.62 -37.55 -1.16
N GLU A 204 -0.18 -37.38 -0.10
CA GLU A 204 0.27 -37.56 1.29
C GLU A 204 1.31 -36.65 1.81
N ILE A 205 1.57 -35.54 1.19
CA ILE A 205 2.33 -34.47 1.79
C ILE A 205 1.37 -33.30 1.93
N GLY A 206 1.74 -32.35 2.76
CA GLY A 206 0.85 -31.30 3.15
C GLY A 206 1.62 -30.02 3.40
N SER A 207 1.00 -29.18 4.19
CA SER A 207 1.62 -27.92 4.44
C SER A 207 2.88 -28.09 5.33
N GLY A 208 3.84 -27.21 5.14
CA GLY A 208 5.15 -27.32 5.70
C GLY A 208 6.16 -27.97 4.77
N THR A 209 5.71 -28.60 3.70
CA THR A 209 6.62 -29.28 2.79
C THR A 209 7.53 -28.24 2.18
N VAL A 210 8.84 -28.47 2.18
CA VAL A 210 9.86 -27.58 1.61
C VAL A 210 10.21 -28.04 0.21
N TYR A 211 10.28 -27.18 -0.83
CA TYR A 211 10.40 -27.65 -2.18
C TYR A 211 10.97 -26.58 -3.13
N LYS A 212 11.46 -27.02 -4.26
CA LYS A 212 11.76 -26.20 -5.38
C LYS A 212 11.36 -26.92 -6.67
N TYR A 213 11.44 -26.22 -7.77
CA TYR A 213 11.27 -26.81 -9.06
C TYR A 213 12.66 -27.03 -9.65
N GLU A 214 12.91 -28.25 -10.09
CA GLU A 214 14.10 -28.54 -10.86
C GLU A 214 13.81 -28.50 -12.32
N ILE A 215 14.39 -27.53 -12.98
CA ILE A 215 14.14 -27.27 -14.37
C ILE A 215 15.34 -27.64 -15.22
N LYS A 216 15.09 -28.39 -16.28
CA LYS A 216 16.05 -28.62 -17.33
C LYS A 216 15.65 -27.79 -18.52
N ASN A 217 16.55 -26.90 -18.97
CA ASN A 217 16.30 -26.16 -20.20
C ASN A 217 16.66 -26.79 -21.53
N SER A 218 16.48 -26.03 -22.63
CA SER A 218 16.69 -26.59 -24.00
C SER A 218 18.13 -27.09 -24.20
N GLU A 219 19.08 -26.42 -23.54
CA GLU A 219 20.48 -26.80 -23.65
C GLU A 219 20.74 -28.05 -22.85
N GLY A 220 19.84 -28.45 -21.97
CA GLY A 220 20.19 -29.57 -21.12
C GLY A 220 20.70 -29.11 -19.76
N HIS A 221 20.74 -27.81 -19.49
CA HIS A 221 21.29 -27.36 -18.18
C HIS A 221 20.18 -27.43 -17.12
N ILE A 222 20.56 -27.85 -15.95
CA ILE A 222 19.68 -28.02 -14.82
C ILE A 222 19.79 -26.89 -13.78
N TYR A 223 18.66 -26.33 -13.35
CA TYR A 223 18.64 -25.33 -12.29
C TYR A 223 17.51 -25.62 -11.32
N GLU A 224 17.66 -24.99 -10.19
CA GLU A 224 16.73 -25.05 -9.14
C GLU A 224 16.07 -23.72 -8.89
N LYS A 225 14.71 -23.67 -8.87
CA LYS A 225 13.93 -22.47 -8.73
C LYS A 225 12.98 -22.53 -7.59
N SER A 226 12.96 -21.41 -6.85
CA SER A 226 11.90 -21.12 -5.95
C SER A 226 10.60 -21.07 -6.77
N ASP A 227 9.50 -21.35 -6.12
CA ASP A 227 8.18 -21.23 -6.80
C ASP A 227 7.85 -19.75 -6.97
N PRO A 228 7.69 -19.29 -8.21
CA PRO A 228 7.22 -17.95 -8.46
C PRO A 228 5.94 -17.61 -7.75
N TYR A 229 5.04 -18.58 -7.64
CA TYR A 229 3.76 -18.36 -6.95
C TYR A 229 3.78 -18.90 -5.54
N GLY A 230 4.99 -19.11 -4.94
CA GLY A 230 5.00 -19.70 -3.60
C GLY A 230 4.47 -18.76 -2.54
N PHE A 231 3.87 -19.34 -1.53
CA PHE A 231 3.17 -18.55 -0.53
C PHE A 231 3.95 -18.34 0.73
N TYR A 232 5.09 -19.02 0.82
CA TYR A 232 5.97 -18.93 1.98
C TYR A 232 7.34 -19.43 1.53
N ARG A 233 8.40 -18.99 2.22
CA ARG A 233 9.77 -19.30 1.75
C ARG A 233 10.67 -19.42 2.95
N GLU A 234 11.76 -20.17 2.78
CA GLU A 234 12.72 -20.29 3.90
C GLU A 234 13.29 -18.92 4.19
N VAL A 235 13.91 -18.80 5.35
CA VAL A 235 14.59 -17.58 5.72
C VAL A 235 15.86 -17.32 4.90
N ARG A 236 15.98 -16.13 4.33
CA ARG A 236 17.12 -15.76 3.55
C ARG A 236 18.41 -16.06 4.41
N PRO A 237 19.49 -16.49 3.79
CA PRO A 237 19.69 -16.62 2.37
C PRO A 237 19.15 -17.92 1.75
N ASN A 238 18.55 -18.84 2.48
CA ASN A 238 17.95 -19.99 1.84
C ASN A 238 16.65 -19.58 1.08
N THR A 239 16.32 -20.35 0.04
CA THR A 239 15.30 -19.99 -0.89
C THR A 239 14.27 -21.06 -1.28
N ALA A 240 14.22 -22.21 -0.60
CA ALA A 240 13.21 -23.17 -0.94
C ALA A 240 11.83 -22.62 -0.53
N SER A 241 10.82 -22.97 -1.34
CA SER A 241 9.44 -22.56 -1.09
C SER A 241 8.87 -23.54 -0.10
N ILE A 242 7.81 -23.13 0.60
CA ILE A 242 7.14 -23.91 1.59
C ILE A 242 5.63 -23.87 1.28
N VAL A 243 5.02 -25.05 1.34
CA VAL A 243 3.61 -25.20 1.05
C VAL A 243 2.78 -24.61 2.16
N VAL A 244 1.82 -23.74 1.82
CA VAL A 244 0.93 -23.19 2.83
C VAL A 244 -0.52 -23.45 2.49
N ASP A 245 -1.31 -23.77 3.48
CA ASP A 245 -2.76 -23.96 3.29
C ASP A 245 -3.40 -22.63 3.59
N ILE A 246 -3.27 -21.73 2.63
CA ILE A 246 -3.43 -20.32 2.94
C ILE A 246 -4.86 -19.87 3.37
N ASP A 247 -5.89 -20.59 2.96
CA ASP A 247 -7.27 -20.38 3.40
C ASP A 247 -7.62 -21.06 4.69
N ASN A 248 -6.75 -21.86 5.27
CA ASN A 248 -7.08 -22.45 6.57
C ASN A 248 -6.05 -22.21 7.65
N ILE A 249 -5.47 -21.03 7.75
CA ILE A 249 -4.47 -20.79 8.80
C ILE A 249 -4.83 -19.64 9.68
N TYR A 250 -5.83 -18.85 9.29
CA TYR A 250 -6.11 -17.66 10.09
C TYR A 250 -7.61 -17.29 10.01
N GLN A 251 -8.13 -16.82 11.10
CA GLN A 251 -9.48 -16.39 11.17
C GLN A 251 -9.50 -14.85 11.40
N TRP A 252 -10.11 -14.13 10.45
CA TRP A 252 -10.18 -12.71 10.42
C TRP A 252 -11.29 -12.15 11.27
N HIS A 253 -11.18 -10.87 11.65
CA HIS A 253 -12.24 -10.21 12.43
C HIS A 253 -12.54 -8.82 11.94
N ASP A 254 -12.23 -8.52 10.71
CA ASP A 254 -12.26 -7.15 10.23
C ASP A 254 -13.36 -6.87 9.19
N GLU A 255 -14.46 -7.61 9.23
CA GLU A 255 -15.59 -7.34 8.33
C GLU A 255 -16.11 -5.92 8.39
N GLU A 256 -16.19 -5.42 9.58
CA GLU A 256 -16.71 -4.08 9.71
C GLU A 256 -15.78 -3.02 9.15
N TRP A 257 -14.48 -3.16 9.42
CA TRP A 257 -13.46 -2.29 8.75
C TRP A 257 -13.55 -2.37 7.21
N LEU A 258 -13.70 -3.56 6.70
CA LEU A 258 -13.73 -3.70 5.23
C LEU A 258 -15.00 -3.12 4.62
N GLU A 259 -16.09 -3.24 5.32
CA GLU A 259 -17.34 -2.69 4.81
C GLU A 259 -17.29 -1.17 4.75
N LYS A 260 -16.82 -0.61 5.84
CA LYS A 260 -16.63 0.81 5.91
C LYS A 260 -15.66 1.34 4.85
N ARG A 261 -14.60 0.61 4.59
CA ARG A 261 -13.65 1.03 3.52
C ARG A 261 -14.38 1.03 2.20
N ARG A 262 -15.01 -0.12 1.83
CA ARG A 262 -15.72 -0.22 0.55
C ARG A 262 -16.74 0.91 0.36
N ASN A 263 -17.38 1.36 1.45
CA ASN A 263 -18.42 2.39 1.33
C ASN A 263 -17.92 3.83 1.49
N SER A 264 -16.62 4.07 1.62
CA SER A 264 -16.17 5.45 1.87
C SER A 264 -15.29 5.87 0.73
N ASP A 265 -15.05 7.14 0.68
CA ASP A 265 -14.21 7.77 -0.30
C ASP A 265 -12.95 8.25 0.46
N PRO A 266 -11.84 7.51 0.32
CA PRO A 266 -10.70 7.78 1.19
C PRO A 266 -10.08 9.14 0.87
N LEU A 267 -10.35 9.68 -0.31
CA LEU A 267 -9.86 10.99 -0.60
C LEU A 267 -10.43 12.13 0.26
N LYS A 268 -11.55 11.86 0.92
CA LYS A 268 -12.21 12.89 1.70
C LYS A 268 -12.02 12.59 3.13
N GLN A 269 -11.07 11.71 3.47
CA GLN A 269 -10.84 11.38 4.89
C GLN A 269 -9.48 11.92 5.34
N PRO A 270 -9.25 12.01 6.64
CA PRO A 270 -7.88 12.17 7.05
C PRO A 270 -7.02 10.94 6.64
N VAL A 271 -5.87 11.17 6.00
CA VAL A 271 -4.90 10.11 5.75
C VAL A 271 -3.51 10.60 6.22
N SER A 272 -3.06 10.16 7.42
CA SER A 272 -1.74 10.45 7.95
C SER A 272 -1.04 9.10 8.11
N VAL A 273 0.00 8.94 7.32
CA VAL A 273 0.69 7.67 7.18
C VAL A 273 2.01 7.67 7.95
N TYR A 274 2.25 6.63 8.73
CA TYR A 274 3.55 6.38 9.40
C TYR A 274 4.23 5.34 8.51
N GLU A 275 5.31 5.73 7.84
CA GLU A 275 6.00 4.85 6.90
C GLU A 275 7.04 4.06 7.74
N VAL A 276 7.13 2.75 7.53
CA VAL A 276 7.94 1.87 8.37
C VAL A 276 8.67 0.83 7.55
N HIS A 277 9.94 0.59 7.90
CA HIS A 277 10.68 -0.54 7.37
C HIS A 277 10.68 -1.58 8.53
N LEU A 278 10.02 -2.71 8.34
CA LEU A 278 9.81 -3.65 9.40
C LEU A 278 11.10 -4.24 10.00
N GLY A 279 12.10 -4.36 9.17
CA GLY A 279 13.31 -4.98 9.56
C GLY A 279 14.18 -4.08 10.45
N SER A 280 13.90 -2.79 10.54
CA SER A 280 14.77 -1.84 11.24
C SER A 280 14.06 -0.84 12.16
N TRP A 281 12.78 -1.08 12.48
CA TRP A 281 12.05 -0.20 13.42
C TRP A 281 12.54 -0.51 14.84
N LEU A 282 12.43 -1.81 15.21
CA LEU A 282 12.88 -2.28 16.51
C LEU A 282 13.41 -3.70 16.37
N HIS A 283 14.53 -3.96 17.01
CA HIS A 283 15.10 -5.35 17.10
C HIS A 283 14.91 -5.97 18.44
N GLY A 284 14.97 -7.30 18.47
CA GLY A 284 15.00 -8.05 19.74
C GLY A 284 16.34 -8.75 20.00
N SER A 285 16.41 -9.58 21.04
CA SER A 285 17.62 -10.28 21.41
C SER A 285 17.63 -11.60 20.63
N SER A 286 18.74 -11.90 19.98
CA SER A 286 18.90 -13.17 19.37
C SER A 286 19.18 -14.32 20.36
N ALA A 287 19.14 -14.08 21.67
CA ALA A 287 19.44 -15.13 22.65
C ALA A 287 18.14 -15.87 22.98
N GLU A 288 17.06 -15.52 22.32
CA GLU A 288 15.80 -16.21 22.53
C GLU A 288 15.10 -16.47 21.20
N LYS A 289 14.09 -17.32 21.24
CA LYS A 289 13.29 -17.63 20.10
C LYS A 289 12.45 -16.39 19.67
N MET A 290 12.03 -16.37 18.43
CA MET A 290 11.03 -15.39 17.94
C MET A 290 9.63 -15.95 18.19
N PRO A 291 8.88 -15.31 19.07
CA PRO A 291 7.47 -15.69 19.27
C PRO A 291 6.60 -15.38 18.05
N LEU A 292 5.69 -16.28 17.76
CA LEU A 292 4.74 -16.23 16.64
C LEU A 292 3.35 -16.39 17.22
N LEU A 293 2.34 -16.26 16.39
CA LEU A 293 0.96 -16.34 16.89
C LEU A 293 0.75 -17.81 17.36
N ASN A 294 0.46 -18.05 18.61
CA ASN A 294 0.49 -19.50 19.11
C ASN A 294 1.62 -20.41 18.57
N GLY A 295 2.88 -20.01 18.69
CA GLY A 295 4.06 -20.84 18.37
C GLY A 295 5.36 -20.00 18.52
N GLU A 296 6.47 -20.48 17.99
CA GLU A 296 7.73 -19.81 18.04
C GLU A 296 8.64 -20.37 16.98
N ALA A 297 9.65 -19.62 16.62
CA ALA A 297 10.62 -20.08 15.64
C ALA A 297 12.03 -19.60 16.10
N ASP A 298 13.04 -20.13 15.48
CA ASP A 298 14.39 -19.70 15.74
C ASP A 298 14.47 -18.21 15.41
N PRO A 299 15.37 -17.50 16.11
CA PRO A 299 15.63 -16.12 15.86
C PRO A 299 16.25 -15.95 14.50
N VAL A 300 15.91 -14.86 13.81
CA VAL A 300 16.58 -14.52 12.56
C VAL A 300 17.48 -13.34 12.90
N ILE A 301 18.79 -13.60 12.84
CA ILE A 301 19.83 -12.67 13.26
C ILE A 301 19.81 -11.58 12.25
N VAL A 302 19.96 -10.34 12.69
CA VAL A 302 19.85 -9.28 11.70
C VAL A 302 21.04 -9.18 10.74
N SER A 303 22.25 -9.41 11.22
CA SER A 303 23.44 -9.55 10.38
C SER A 303 24.55 -10.22 11.16
N GLU A 304 25.57 -10.62 10.43
CA GLU A 304 26.74 -11.22 11.02
C GLU A 304 27.53 -10.17 11.81
N TRP A 305 27.52 -8.92 11.38
CA TRP A 305 28.16 -7.90 12.11
C TRP A 305 27.48 -7.52 13.43
N ASN A 306 26.18 -7.85 13.62
CA ASN A 306 25.43 -7.44 14.81
C ASN A 306 24.67 -8.65 15.34
N PRO A 307 25.36 -9.71 15.76
CA PRO A 307 24.76 -11.03 15.95
C PRO A 307 23.94 -11.18 17.17
N GLY A 308 24.05 -10.20 18.06
CA GLY A 308 23.21 -10.27 19.20
C GLY A 308 21.81 -9.79 18.94
N ALA A 309 21.55 -9.22 17.77
CA ALA A 309 20.17 -8.66 17.53
C ALA A 309 19.37 -9.57 16.58
N ARG A 310 18.08 -9.72 16.84
CA ARG A 310 17.20 -10.40 15.88
C ARG A 310 16.03 -9.50 15.43
N PHE A 311 15.41 -9.84 14.29
CA PHE A 311 14.20 -9.19 13.84
C PHE A 311 13.06 -9.56 14.79
N LEU A 312 12.11 -8.63 14.94
CA LEU A 312 10.84 -8.94 15.54
C LEU A 312 9.92 -9.64 14.55
N SER A 313 9.07 -10.49 15.06
CA SER A 313 8.10 -11.17 14.19
C SER A 313 6.91 -10.27 13.88
N TYR A 314 6.14 -10.65 12.87
CA TYR A 314 4.85 -9.92 12.59
C TYR A 314 3.95 -9.88 13.81
N TYR A 315 3.99 -10.96 14.57
CA TYR A 315 3.23 -11.08 15.80
C TYR A 315 3.71 -10.05 16.83
N GLU A 316 5.00 -10.02 17.13
CA GLU A 316 5.53 -9.01 18.07
C GLU A 316 5.29 -7.59 17.58
N LEU A 317 5.38 -7.40 16.27
CA LEU A 317 5.11 -6.08 15.70
C LEU A 317 3.64 -5.67 15.88
N ALA A 318 2.73 -6.62 15.76
CA ALA A 318 1.34 -6.32 16.00
C ALA A 318 1.11 -5.86 17.46
N GLU A 319 1.86 -6.44 18.38
CA GLU A 319 1.78 -6.14 19.80
C GLU A 319 2.47 -4.85 20.16
N LYS A 320 3.44 -4.41 19.39
CA LYS A 320 4.21 -3.21 19.81
C LYS A 320 4.11 -2.07 18.83
N LEU A 321 4.29 -2.32 17.51
CA LEU A 321 4.16 -1.22 16.53
C LEU A 321 2.71 -0.65 16.53
N ILE A 322 1.74 -1.51 16.54
CA ILE A 322 0.37 -1.09 16.35
C ILE A 322 -0.09 -0.17 17.47
N PRO A 323 0.05 -0.57 18.74
CA PRO A 323 -0.35 0.42 19.79
C PRO A 323 0.53 1.69 19.77
N TYR A 324 1.78 1.59 19.36
CA TYR A 324 2.63 2.79 19.29
C TYR A 324 2.01 3.74 18.25
N VAL A 325 1.65 3.24 17.09
CA VAL A 325 1.08 4.05 16.03
C VAL A 325 -0.31 4.60 16.37
N LYS A 326 -1.13 3.78 16.96
CA LYS A 326 -2.47 4.18 17.40
C LYS A 326 -2.41 5.32 18.40
N ASP A 327 -1.51 5.20 19.36
CA ASP A 327 -1.29 6.27 20.34
C ASP A 327 -0.67 7.56 19.70
N MET A 328 0.18 7.41 18.68
CA MET A 328 0.63 8.61 17.91
C MET A 328 -0.50 9.27 17.13
N GLY A 329 -1.56 8.52 16.77
CA GLY A 329 -2.69 9.11 16.04
C GLY A 329 -2.64 9.01 14.52
N TYR A 330 -1.73 8.20 13.93
CA TYR A 330 -1.68 8.05 12.46
C TYR A 330 -2.87 7.18 12.05
N THR A 331 -3.39 7.37 10.83
CA THR A 331 -4.49 6.60 10.34
C THR A 331 -4.03 5.34 9.59
N HIS A 332 -2.78 5.31 9.14
CA HIS A 332 -2.28 4.24 8.29
C HIS A 332 -0.81 3.97 8.60
N ILE A 333 -0.43 2.74 8.37
CA ILE A 333 0.95 2.33 8.34
C ILE A 333 1.31 1.96 6.92
N GLU A 334 2.41 2.50 6.40
CA GLU A 334 2.86 2.15 5.05
C GLU A 334 4.15 1.32 5.21
N LEU A 335 4.17 0.11 4.70
CA LEU A 335 5.32 -0.77 4.86
C LEU A 335 6.24 -0.76 3.63
N LEU A 336 7.53 -0.59 3.87
CA LEU A 336 8.47 -0.83 2.82
C LEU A 336 8.30 -2.32 2.45
N PRO A 337 8.74 -2.69 1.28
CA PRO A 337 8.19 -3.92 0.65
C PRO A 337 8.37 -5.15 1.53
N ILE A 338 7.27 -5.85 1.80
CA ILE A 338 7.34 -7.09 2.54
C ILE A 338 7.29 -8.32 1.71
N ALA A 339 7.10 -8.21 0.39
CA ALA A 339 7.29 -9.40 -0.42
C ALA A 339 8.68 -9.99 -0.18
N GLU A 340 8.79 -11.29 -0.34
CA GLU A 340 10.03 -11.98 -0.06
C GLU A 340 11.17 -11.44 -0.92
N HIS A 341 12.29 -11.15 -0.28
CA HIS A 341 13.42 -10.54 -0.92
C HIS A 341 14.75 -11.04 -0.28
N PRO A 342 15.71 -11.39 -1.11
CA PRO A 342 16.89 -12.11 -0.62
C PRO A 342 17.89 -11.21 0.14
N PHE A 343 17.92 -9.91 -0.07
CA PHE A 343 19.01 -9.09 0.44
C PHE A 343 18.48 -7.94 1.30
N ASP A 344 18.82 -7.93 2.58
CA ASP A 344 18.40 -6.89 3.50
C ASP A 344 18.69 -5.51 2.94
N GLY A 345 19.84 -5.35 2.34
CA GLY A 345 20.30 -4.04 1.89
C GLY A 345 19.50 -3.53 0.68
N SER A 346 18.60 -4.29 0.04
CA SER A 346 17.76 -3.70 -0.95
C SER A 346 16.62 -2.94 -0.30
N TRP A 347 16.47 -3.09 0.99
CA TRP A 347 15.36 -2.49 1.77
C TRP A 347 14.01 -3.11 1.40
N GLY A 348 14.04 -4.10 0.53
CA GLY A 348 12.83 -4.73 0.07
C GLY A 348 12.56 -4.48 -1.40
N TYR A 349 13.23 -3.51 -2.01
CA TYR A 349 12.91 -3.11 -3.38
C TYR A 349 13.42 -4.05 -4.51
N GLN A 350 14.11 -5.12 -4.12
CA GLN A 350 14.49 -6.17 -5.05
C GLN A 350 13.91 -7.50 -4.66
N VAL A 351 12.79 -7.80 -5.28
CA VAL A 351 11.94 -8.86 -4.83
C VAL A 351 12.17 -10.07 -5.72
N THR A 352 12.25 -11.27 -5.14
CA THR A 352 12.19 -12.50 -5.87
C THR A 352 11.05 -13.46 -5.48
N GLY A 353 10.32 -13.19 -4.40
CA GLY A 353 9.20 -14.03 -3.99
C GLY A 353 7.96 -13.14 -3.87
N PHE A 354 7.33 -12.88 -4.99
CA PHE A 354 6.24 -11.90 -5.07
C PHE A 354 4.99 -12.25 -4.34
N TYR A 355 4.74 -13.54 -4.15
CA TYR A 355 3.50 -14.03 -3.54
C TYR A 355 3.63 -14.46 -2.09
N SER A 356 4.75 -14.08 -1.42
CA SER A 356 4.91 -14.43 -0.02
C SER A 356 5.41 -13.26 0.82
N PRO A 357 4.84 -13.12 2.02
CA PRO A 357 5.39 -12.17 2.92
C PRO A 357 6.71 -12.70 3.48
N THR A 358 7.66 -11.81 3.64
CA THR A 358 9.02 -12.22 3.98
C THR A 358 9.08 -13.03 5.28
N SER A 359 9.79 -14.14 5.21
CA SER A 359 9.94 -15.05 6.38
C SER A 359 10.90 -14.51 7.41
N ARG A 360 11.56 -13.38 7.13
CA ARG A 360 12.28 -12.72 8.17
C ARG A 360 11.48 -12.57 9.43
N PHE A 361 10.16 -12.31 9.32
CA PHE A 361 9.36 -11.95 10.48
C PHE A 361 8.31 -12.97 10.80
N GLY A 362 8.46 -14.19 10.29
CA GLY A 362 7.56 -15.30 10.72
C GLY A 362 6.74 -15.78 9.53
N ARG A 363 5.52 -16.20 9.79
CA ARG A 363 4.76 -16.95 8.85
C ARG A 363 3.62 -16.10 8.26
N PRO A 364 3.04 -16.53 7.16
CA PRO A 364 1.86 -15.83 6.59
C PRO A 364 0.73 -15.52 7.57
N GLU A 365 0.38 -16.45 8.46
CA GLU A 365 -0.65 -16.18 9.41
C GLU A 365 -0.26 -15.11 10.39
N ASP A 366 1.03 -14.92 10.61
CA ASP A 366 1.47 -13.85 11.55
C ASP A 366 1.26 -12.49 10.90
N PHE A 367 1.50 -12.38 9.60
CA PHE A 367 1.24 -11.12 8.93
C PHE A 367 -0.27 -10.89 8.82
N MET A 368 -1.05 -11.93 8.58
CA MET A 368 -2.53 -11.78 8.57
C MET A 368 -2.95 -11.22 9.90
N TYR A 369 -2.38 -11.78 10.97
CA TYR A 369 -2.74 -11.25 12.29
C TYR A 369 -2.41 -9.77 12.43
N PHE A 370 -1.24 -9.40 11.97
CA PHE A 370 -0.82 -8.00 11.99
C PHE A 370 -1.87 -7.12 11.31
N VAL A 371 -2.29 -7.50 10.11
CA VAL A 371 -3.28 -6.71 9.39
C VAL A 371 -4.61 -6.65 10.14
N ASP A 372 -5.07 -7.81 10.61
CA ASP A 372 -6.35 -7.93 11.35
C ASP A 372 -6.29 -7.03 12.57
N LYS A 373 -5.14 -7.03 13.25
CA LYS A 373 -5.03 -6.19 14.42
C LYS A 373 -4.99 -4.72 14.08
N CYS A 374 -4.32 -4.31 12.98
CA CYS A 374 -4.45 -2.91 12.53
C CYS A 374 -5.92 -2.53 12.35
N HIS A 375 -6.65 -3.35 11.61
CA HIS A 375 -8.05 -3.07 11.32
C HIS A 375 -8.88 -2.97 12.59
N GLU A 376 -8.58 -3.79 13.58
CA GLU A 376 -9.33 -3.73 14.85
C GLU A 376 -9.08 -2.41 15.55
N ASN A 377 -7.86 -1.85 15.39
CA ASN A 377 -7.49 -0.62 16.04
C ASN A 377 -7.75 0.57 15.12
N GLY A 378 -8.49 0.39 14.04
CA GLY A 378 -8.84 1.53 13.17
C GLY A 378 -7.66 2.08 12.31
N ILE A 379 -6.71 1.21 11.98
CA ILE A 379 -5.51 1.61 11.21
C ILE A 379 -5.44 0.88 9.90
N GLY A 380 -5.22 1.58 8.77
CA GLY A 380 -5.11 0.84 7.47
C GLY A 380 -3.64 0.48 7.20
N VAL A 381 -3.42 -0.43 6.27
CA VAL A 381 -2.13 -0.93 5.87
C VAL A 381 -1.92 -0.74 4.39
N ILE A 382 -0.89 0.05 4.06
CA ILE A 382 -0.46 0.32 2.70
C ILE A 382 0.85 -0.44 2.43
N LEU A 383 0.90 -1.26 1.36
CA LEU A 383 2.12 -1.95 1.00
C LEU A 383 2.84 -1.27 -0.14
N ASP A 384 4.14 -1.05 0.04
CA ASP A 384 5.00 -0.76 -1.09
C ASP A 384 5.06 -2.00 -1.90
N TRP A 385 4.81 -1.81 -3.18
CA TRP A 385 4.64 -2.93 -4.12
C TRP A 385 5.59 -2.65 -5.27
N VAL A 386 6.26 -3.68 -5.79
CA VAL A 386 7.43 -3.44 -6.68
C VAL A 386 7.28 -4.21 -7.98
N PRO A 387 6.46 -3.71 -8.88
CA PRO A 387 6.26 -4.38 -10.15
C PRO A 387 7.23 -3.97 -11.26
N GLY A 388 8.17 -3.09 -10.92
CA GLY A 388 9.01 -2.45 -11.89
C GLY A 388 10.21 -3.27 -12.37
N HIS A 389 10.72 -4.21 -11.56
CA HIS A 389 11.92 -4.95 -11.92
C HIS A 389 12.10 -6.06 -10.94
N PHE A 390 13.11 -6.86 -11.14
CA PHE A 390 13.49 -7.89 -10.19
C PHE A 390 14.95 -8.21 -10.42
N PRO A 391 15.61 -8.70 -9.39
CA PRO A 391 17.05 -8.89 -9.52
C PRO A 391 17.37 -10.21 -10.20
N LYS A 392 18.64 -10.35 -10.54
CA LYS A 392 19.13 -11.53 -11.30
C LYS A 392 19.28 -12.81 -10.56
N ASP A 393 19.03 -12.86 -9.26
CA ASP A 393 19.41 -14.06 -8.50
C ASP A 393 18.82 -15.30 -9.13
N SER A 394 19.60 -16.37 -9.16
CA SER A 394 19.28 -17.54 -9.98
C SER A 394 18.16 -18.43 -9.37
N HIS A 395 17.88 -18.34 -8.09
CA HIS A 395 16.71 -18.98 -7.48
C HIS A 395 15.40 -18.35 -8.00
N GLY A 396 15.50 -17.18 -8.57
CA GLY A 396 14.31 -16.29 -8.78
C GLY A 396 13.78 -16.41 -10.20
N LEU A 397 13.13 -15.37 -10.65
CA LEU A 397 12.46 -15.36 -11.94
C LEU A 397 13.36 -15.29 -13.17
N ALA A 398 14.60 -14.80 -12.99
CA ALA A 398 15.48 -14.61 -14.18
C ALA A 398 15.58 -15.86 -15.09
N TYR A 399 15.53 -15.60 -16.39
CA TYR A 399 15.89 -16.57 -17.40
C TYR A 399 15.24 -17.92 -17.00
N PHE A 400 13.93 -17.83 -16.68
CA PHE A 400 13.33 -18.87 -15.82
C PHE A 400 13.34 -20.25 -16.41
N ASP A 401 12.93 -20.34 -17.67
CA ASP A 401 12.82 -21.65 -18.31
C ASP A 401 13.94 -21.86 -19.31
N GLY A 402 15.05 -21.12 -19.16
CA GLY A 402 16.17 -21.15 -20.13
C GLY A 402 15.89 -20.19 -21.27
N THR A 403 14.93 -19.30 -21.08
CA THR A 403 14.72 -18.22 -22.02
C THR A 403 14.42 -16.96 -21.19
N HIS A 404 14.38 -15.84 -21.89
CA HIS A 404 13.93 -14.63 -21.31
C HIS A 404 12.38 -14.66 -21.18
N LEU A 405 11.94 -15.30 -20.09
CA LEU A 405 10.52 -15.57 -19.84
C LEU A 405 9.78 -14.36 -19.22
N TYR A 406 10.17 -14.01 -18.00
CA TYR A 406 9.61 -12.87 -17.27
C TYR A 406 10.14 -11.55 -17.72
N GLU A 407 11.43 -11.50 -18.07
CA GLU A 407 12.08 -10.26 -18.53
C GLU A 407 12.05 -10.22 -20.01
N HIS A 408 12.00 -9.02 -20.56
CA HIS A 408 12.10 -8.85 -22.00
C HIS A 408 13.52 -9.27 -22.46
N ALA A 409 13.63 -9.89 -23.62
CA ALA A 409 14.92 -10.45 -24.08
C ALA A 409 15.92 -9.39 -24.54
N ASP A 410 15.43 -8.28 -25.05
CA ASP A 410 16.26 -7.18 -25.47
C ASP A 410 16.67 -6.32 -24.25
N PRO A 411 17.97 -6.31 -23.87
CA PRO A 411 18.36 -5.55 -22.70
C PRO A 411 18.09 -4.08 -22.74
N ARG A 412 17.79 -3.53 -23.90
CA ARG A 412 17.47 -2.13 -23.99
C ARG A 412 16.15 -1.77 -23.39
N ILE A 413 15.28 -2.75 -23.21
CA ILE A 413 13.99 -2.53 -22.52
C ILE A 413 13.83 -3.48 -21.29
N GLY A 414 14.65 -4.54 -21.27
CA GLY A 414 14.63 -5.60 -20.28
C GLY A 414 15.62 -5.59 -19.11
N GLU A 415 16.50 -4.61 -19.07
CA GLU A 415 17.40 -4.40 -17.95
C GLU A 415 17.50 -2.98 -17.58
N HIS A 416 17.61 -2.76 -16.28
CA HIS A 416 17.98 -1.48 -15.73
C HIS A 416 19.47 -1.65 -15.37
N LYS A 417 20.30 -1.34 -16.34
CA LYS A 417 21.77 -1.59 -16.26
C LYS A 417 22.40 -0.84 -15.10
N GLU A 418 21.95 0.35 -14.80
CA GLU A 418 22.54 1.10 -13.68
C GLU A 418 22.21 0.43 -12.38
N TRP A 419 21.13 -0.35 -12.32
CA TRP A 419 20.73 -0.89 -11.04
C TRP A 419 21.17 -2.29 -10.99
N GLY A 420 21.49 -2.90 -12.15
CA GLY A 420 21.84 -4.32 -12.18
C GLY A 420 20.63 -5.31 -12.17
N THR A 421 19.41 -4.78 -12.48
CA THR A 421 18.18 -5.60 -12.43
C THR A 421 17.53 -5.78 -13.81
N LEU A 422 16.53 -6.64 -13.84
CA LEU A 422 15.77 -6.98 -15.03
C LEU A 422 14.37 -6.41 -14.98
N VAL A 423 13.81 -6.13 -16.12
CA VAL A 423 12.53 -5.43 -16.22
C VAL A 423 11.55 -6.40 -16.82
N PHE A 424 10.42 -6.59 -16.15
CA PHE A 424 9.38 -7.48 -16.68
C PHE A 424 8.92 -7.08 -18.10
N ASN A 425 8.62 -8.10 -18.89
CA ASN A 425 7.95 -7.92 -20.21
C ASN A 425 6.45 -7.73 -20.07
N TYR A 426 6.03 -6.51 -19.80
CA TYR A 426 4.64 -6.19 -19.53
C TYR A 426 3.69 -6.58 -20.64
N GLY A 427 4.17 -6.64 -21.88
CA GLY A 427 3.39 -7.04 -23.03
C GLY A 427 3.19 -8.54 -23.10
N ARG A 428 3.92 -9.36 -22.37
CA ARG A 428 3.69 -10.77 -22.48
C ARG A 428 2.58 -11.22 -21.52
N HIS A 429 1.59 -11.92 -22.06
CA HIS A 429 0.32 -12.07 -21.33
C HIS A 429 0.50 -12.70 -19.95
N GLU A 430 1.23 -13.78 -19.88
CA GLU A 430 1.41 -14.49 -18.64
C GLU A 430 2.23 -13.70 -17.60
N VAL A 431 3.08 -12.80 -18.07
CA VAL A 431 3.88 -11.94 -17.20
C VAL A 431 2.99 -10.85 -16.60
N ARG A 432 2.22 -10.20 -17.47
CA ARG A 432 1.24 -9.23 -17.03
C ARG A 432 0.33 -9.91 -16.00
N ASN A 433 -0.07 -11.15 -16.24
CA ASN A 433 -1.04 -11.82 -15.38
C ASN A 433 -0.37 -12.10 -14.02
N PHE A 434 0.91 -12.53 -14.05
CA PHE A 434 1.66 -12.74 -12.81
C PHE A 434 1.51 -11.51 -11.89
N LEU A 435 1.72 -10.36 -12.45
CA LEU A 435 1.76 -9.08 -11.71
C LEU A 435 0.39 -8.50 -11.37
N VAL A 436 -0.53 -8.53 -12.34
CA VAL A 436 -1.92 -8.09 -12.09
C VAL A 436 -2.57 -8.92 -10.99
N ALA A 437 -2.47 -10.21 -11.14
CA ALA A 437 -3.04 -11.08 -10.13
C ALA A 437 -2.30 -10.91 -8.79
N ASN A 438 -1.02 -10.56 -8.85
CA ASN A 438 -0.22 -10.37 -7.60
C ASN A 438 -0.75 -9.22 -6.79
N VAL A 439 -1.04 -8.10 -7.45
CA VAL A 439 -1.58 -6.98 -6.68
C VAL A 439 -2.94 -7.35 -6.04
N LEU A 440 -3.76 -8.04 -6.78
CA LEU A 440 -5.08 -8.45 -6.27
C LEU A 440 -4.88 -9.43 -5.11
N PHE A 441 -3.83 -10.28 -5.23
CA PHE A 441 -3.51 -11.28 -4.20
C PHE A 441 -3.38 -10.69 -2.82
N TRP A 442 -2.70 -9.55 -2.71
CA TRP A 442 -2.47 -8.96 -1.40
C TRP A 442 -3.74 -8.37 -0.78
N PHE A 443 -4.62 -7.78 -1.61
CA PHE A 443 -5.93 -7.34 -1.14
C PHE A 443 -6.87 -8.49 -0.78
N ASP A 444 -6.80 -9.58 -1.55
CA ASP A 444 -7.63 -10.79 -1.35
C ASP A 444 -7.15 -11.52 -0.08
N LYS A 445 -5.94 -12.08 -0.11
CA LYS A 445 -5.57 -12.95 1.02
C LYS A 445 -5.10 -12.26 2.23
N TYR A 446 -4.63 -11.02 2.09
CA TYR A 446 -4.05 -10.31 3.25
C TYR A 446 -4.78 -9.05 3.69
N HIS A 447 -5.83 -8.67 2.95
CA HIS A 447 -6.79 -7.65 3.36
C HIS A 447 -6.16 -6.26 3.42
N VAL A 448 -5.13 -5.97 2.64
CA VAL A 448 -4.47 -4.69 2.79
C VAL A 448 -5.37 -3.56 2.19
N ASP A 449 -5.07 -2.32 2.55
CA ASP A 449 -5.91 -1.15 2.25
C ASP A 449 -5.32 -0.28 1.18
N GLY A 450 -4.08 -0.52 0.78
CA GLY A 450 -3.54 0.23 -0.35
C GLY A 450 -2.20 -0.21 -0.81
N ILE A 451 -1.72 0.37 -1.91
CA ILE A 451 -0.39 0.11 -2.38
C ILE A 451 0.24 1.43 -2.71
N ARG A 452 1.58 1.47 -2.62
CA ARG A 452 2.35 2.59 -3.12
C ARG A 452 3.40 2.01 -4.07
N VAL A 453 3.50 2.56 -5.27
CA VAL A 453 4.47 2.08 -6.30
C VAL A 453 5.57 3.16 -6.48
N ASP A 454 6.78 2.78 -6.15
CA ASP A 454 8.00 3.59 -6.23
C ASP A 454 8.50 3.71 -7.68
N ALA A 455 9.06 4.84 -8.09
CA ALA A 455 9.83 4.88 -9.33
C ALA A 455 8.98 4.50 -10.55
N VAL A 456 7.76 4.99 -10.61
CA VAL A 456 6.85 4.76 -11.74
C VAL A 456 7.49 5.22 -13.08
N ALA A 457 8.29 6.27 -13.08
CA ALA A 457 9.00 6.69 -14.31
C ALA A 457 9.82 5.58 -14.90
N SER A 458 10.41 4.74 -14.05
CA SER A 458 11.28 3.67 -14.53
C SER A 458 10.51 2.69 -15.43
N MET A 459 9.21 2.62 -15.23
CA MET A 459 8.35 1.77 -16.05
C MET A 459 7.81 2.50 -17.27
N LEU A 460 7.50 3.75 -17.09
CA LEU A 460 6.81 4.52 -18.15
C LEU A 460 7.69 4.91 -19.36
N TYR A 461 9.00 5.05 -19.14
CA TYR A 461 9.91 5.55 -20.18
C TYR A 461 10.83 4.47 -20.76
N ARG A 462 10.81 4.37 -22.08
CA ARG A 462 11.68 3.46 -22.82
C ARG A 462 13.13 3.91 -22.82
N ASN A 463 13.36 5.17 -22.50
CA ASN A 463 14.72 5.70 -22.42
C ASN A 463 15.19 6.01 -21.00
N TYR A 464 14.52 5.43 -20.02
CA TYR A 464 14.90 5.61 -18.59
C TYR A 464 16.33 5.21 -18.25
N LEU A 465 17.14 6.20 -17.87
CA LEU A 465 18.56 6.01 -17.50
C LEU A 465 19.31 5.33 -18.63
N ARG A 466 18.92 5.63 -19.86
CA ARG A 466 19.58 5.07 -21.02
C ARG A 466 20.02 6.23 -21.91
N LYS A 467 21.27 6.13 -22.33
CA LYS A 467 21.86 7.17 -23.24
C LYS A 467 21.48 6.92 -24.65
N GLU A 468 21.65 7.97 -25.44
CA GLU A 468 21.33 7.99 -26.86
C GLU A 468 22.01 6.81 -27.53
N GLY A 469 21.30 6.18 -28.47
CA GLY A 469 21.77 4.96 -29.08
C GLY A 469 21.65 3.71 -28.25
N GLU A 470 21.15 3.78 -27.04
CA GLU A 470 21.07 2.56 -26.27
C GLU A 470 19.63 2.20 -25.80
N TRP A 471 18.66 2.81 -26.50
CA TRP A 471 17.25 2.46 -26.30
C TRP A 471 16.55 2.55 -27.61
N ILE A 472 15.40 1.95 -27.76
CA ILE A 472 14.62 2.23 -28.98
C ILE A 472 13.27 2.81 -28.71
N ALA A 473 12.80 3.58 -29.65
CA ALA A 473 11.54 4.22 -29.54
C ALA A 473 10.39 3.22 -29.64
N ASN A 474 9.21 3.63 -29.17
CA ASN A 474 8.01 2.80 -29.36
C ASN A 474 7.65 2.79 -30.89
N GLU A 475 6.62 2.05 -31.26
CA GLU A 475 6.16 1.97 -32.64
C GLU A 475 5.74 3.31 -33.27
N TYR A 476 5.44 4.35 -32.51
CA TYR A 476 5.15 5.65 -33.08
C TYR A 476 6.33 6.57 -32.99
N GLY A 477 7.52 6.07 -32.74
CA GLY A 477 8.61 7.00 -32.56
C GLY A 477 8.73 7.72 -31.24
N GLY A 478 7.88 7.43 -30.23
CA GLY A 478 8.03 8.10 -28.93
C GLY A 478 8.83 7.35 -27.85
N ASP A 479 8.98 8.02 -26.71
CA ASP A 479 9.66 7.42 -25.57
C ASP A 479 8.72 6.61 -24.58
N GLU A 480 7.40 6.70 -24.78
CA GLU A 480 6.43 6.09 -23.91
C GLU A 480 6.51 4.63 -23.98
N HIS A 481 6.61 3.98 -22.82
CA HIS A 481 6.63 2.52 -22.78
C HIS A 481 5.16 2.03 -22.83
N ILE A 482 4.63 1.80 -24.02
CA ILE A 482 3.19 1.63 -24.23
C ILE A 482 2.64 0.47 -23.36
N GLU A 483 3.36 -0.63 -23.38
CA GLU A 483 2.97 -1.86 -22.66
C GLU A 483 2.94 -1.65 -21.14
N ALA A 484 3.88 -0.85 -20.63
CA ALA A 484 3.87 -0.51 -19.19
C ALA A 484 2.71 0.37 -18.83
N VAL A 485 2.41 1.37 -19.65
CA VAL A 485 1.30 2.28 -19.40
C VAL A 485 -0.02 1.46 -19.36
N SER A 486 -0.10 0.54 -20.27
CA SER A 486 -1.28 -0.26 -20.40
C SER A 486 -1.41 -1.22 -19.17
N PHE A 487 -0.31 -1.86 -18.82
CA PHE A 487 -0.27 -2.67 -17.61
C PHE A 487 -0.70 -1.89 -16.33
N ILE A 488 -0.09 -0.72 -16.13
CA ILE A 488 -0.41 0.12 -15.00
C ILE A 488 -1.92 0.48 -14.96
N ARG A 489 -2.47 0.83 -16.12
CA ARG A 489 -3.89 1.12 -16.20
C ARG A 489 -4.78 -0.01 -15.82
N GLU A 490 -4.41 -1.20 -16.21
CA GLU A 490 -5.15 -2.38 -15.93
C GLU A 490 -5.08 -2.67 -14.42
N VAL A 491 -3.91 -2.51 -13.80
CA VAL A 491 -3.73 -2.76 -12.40
C VAL A 491 -4.71 -1.87 -11.68
N ASN A 492 -4.65 -0.57 -11.94
CA ASN A 492 -5.50 0.30 -11.18
C ASN A 492 -7.01 0.12 -11.48
N THR A 493 -7.37 -0.20 -12.72
CA THR A 493 -8.73 -0.40 -13.06
C THR A 493 -9.25 -1.61 -12.26
N LEU A 494 -8.52 -2.69 -12.29
CA LEU A 494 -9.01 -3.90 -11.64
C LEU A 494 -8.96 -3.79 -10.10
N LEU A 495 -7.96 -3.09 -9.57
CA LEU A 495 -7.86 -2.94 -8.13
C LEU A 495 -9.05 -2.18 -7.55
N PHE A 496 -9.35 -1.04 -8.13
CA PHE A 496 -10.49 -0.29 -7.67
C PHE A 496 -11.85 -0.99 -7.88
N GLU A 497 -12.02 -1.71 -8.98
CA GLU A 497 -13.24 -2.46 -9.20
C GLU A 497 -13.46 -3.57 -8.19
N TYR A 498 -12.41 -4.38 -7.97
CA TYR A 498 -12.50 -5.45 -7.01
C TYR A 498 -12.48 -5.02 -5.56
N PHE A 499 -11.83 -3.92 -5.25
CA PHE A 499 -11.67 -3.45 -3.87
C PHE A 499 -11.84 -1.97 -3.83
N PRO A 500 -13.09 -1.50 -3.86
CA PRO A 500 -13.29 -0.06 -3.88
C PRO A 500 -12.89 0.56 -2.58
N GLY A 501 -12.52 1.83 -2.64
CA GLY A 501 -12.15 2.50 -1.39
C GLY A 501 -10.69 2.34 -0.92
N ILE A 502 -9.82 1.72 -1.72
CA ILE A 502 -8.43 1.52 -1.37
C ILE A 502 -7.60 2.76 -1.77
N LEU A 503 -6.37 2.77 -1.33
CA LEU A 503 -5.39 3.78 -1.80
C LEU A 503 -4.42 3.16 -2.78
N SER A 504 -4.23 3.83 -3.92
CA SER A 504 -3.23 3.49 -4.85
C SER A 504 -2.36 4.69 -5.10
N ILE A 505 -1.14 4.66 -4.58
CA ILE A 505 -0.30 5.85 -4.52
C ILE A 505 0.91 5.67 -5.45
N ALA A 506 1.20 6.72 -6.22
CA ALA A 506 2.32 6.66 -7.15
C ALA A 506 3.39 7.65 -6.69
N GLU A 507 4.66 7.26 -6.78
CA GLU A 507 5.73 8.27 -6.91
C GLU A 507 6.21 8.24 -8.36
N GLU A 508 6.05 9.36 -9.04
CA GLU A 508 6.44 9.50 -10.44
C GLU A 508 7.10 10.85 -10.50
N SER A 509 8.33 10.87 -10.99
CA SER A 509 9.21 12.02 -10.86
C SER A 509 9.49 12.78 -12.12
N THR A 510 8.71 12.68 -13.18
CA THR A 510 8.99 13.47 -14.37
C THR A 510 7.83 14.29 -14.95
N GLU A 511 6.85 14.75 -14.20
CA GLU A 511 5.81 15.56 -14.97
C GLU A 511 4.86 14.78 -15.90
N TRP A 512 4.90 13.46 -15.93
CA TRP A 512 3.82 12.71 -16.64
C TRP A 512 2.50 13.20 -16.11
N GLU A 513 1.54 13.35 -16.97
CA GLU A 513 0.27 13.99 -16.62
C GLU A 513 -0.74 12.96 -16.17
N LYS A 514 -1.63 13.39 -15.28
CA LYS A 514 -2.77 12.60 -14.94
C LYS A 514 -2.42 11.20 -14.33
N VAL A 515 -1.40 11.22 -13.49
CA VAL A 515 -0.97 10.05 -12.81
C VAL A 515 -2.08 9.60 -11.90
N SER A 516 -2.73 10.54 -11.23
CA SER A 516 -3.73 10.18 -10.24
C SER A 516 -5.14 10.58 -10.71
N ARG A 517 -5.40 10.39 -12.00
CA ARG A 517 -6.73 10.57 -12.53
C ARG A 517 -7.22 9.26 -13.11
N PRO A 518 -8.54 9.14 -13.32
CA PRO A 518 -9.08 7.86 -13.80
C PRO A 518 -8.62 7.47 -15.15
N VAL A 519 -8.55 6.18 -15.37
CA VAL A 519 -8.11 5.65 -16.61
C VAL A 519 -9.10 6.11 -17.70
N TYR A 520 -10.38 6.21 -17.36
CA TYR A 520 -11.37 6.64 -18.36
C TYR A 520 -11.15 8.07 -18.77
N ASP A 521 -10.46 8.91 -17.99
CA ASP A 521 -10.10 10.26 -18.49
C ASP A 521 -8.72 10.34 -19.05
N GLY A 522 -8.13 9.24 -19.48
CA GLY A 522 -6.71 9.33 -19.91
C GLY A 522 -5.64 9.25 -18.77
N GLY A 523 -6.04 9.03 -17.53
CA GLY A 523 -5.02 8.93 -16.46
C GLY A 523 -4.36 7.57 -16.32
N LEU A 524 -3.40 7.47 -15.37
CA LEU A 524 -2.83 6.14 -15.06
C LEU A 524 -3.65 5.37 -13.99
N GLY A 525 -4.55 6.05 -13.32
CA GLY A 525 -5.51 5.37 -12.46
C GLY A 525 -5.18 5.37 -10.96
N PHE A 526 -4.07 6.00 -10.54
CA PHE A 526 -3.76 6.05 -9.08
C PHE A 526 -4.82 7.01 -8.49
N ASN A 527 -5.07 6.99 -7.18
CA ASN A 527 -5.80 8.05 -6.59
C ASN A 527 -4.97 9.02 -5.81
N LEU A 528 -3.68 8.74 -5.57
CA LEU A 528 -2.79 9.75 -4.94
C LEU A 528 -1.40 9.70 -5.57
N LYS A 529 -0.71 10.84 -5.59
CA LYS A 529 0.67 10.89 -6.13
C LYS A 529 1.53 11.60 -5.12
N TRP A 530 2.70 11.08 -4.80
CA TRP A 530 3.65 11.86 -3.94
C TRP A 530 4.04 13.20 -4.56
N ASP A 531 4.03 14.28 -3.79
CA ASP A 531 4.37 15.57 -4.39
C ASP A 531 5.87 15.82 -4.17
N MET A 532 6.64 15.20 -5.03
CA MET A 532 8.10 15.27 -4.94
C MET A 532 8.60 16.75 -5.03
N GLY A 533 7.98 17.59 -5.86
CA GLY A 533 8.39 19.02 -5.97
C GLY A 533 8.24 19.66 -4.63
N TRP A 534 7.12 19.35 -3.94
CA TRP A 534 6.84 19.98 -2.68
C TRP A 534 7.87 19.56 -1.67
N MET A 535 8.24 18.29 -1.69
CA MET A 535 9.19 17.77 -0.73
C MET A 535 10.53 18.49 -0.94
N HIS A 536 10.92 18.60 -2.19
CA HIS A 536 12.19 19.32 -2.46
C HIS A 536 12.12 20.83 -2.05
N ASP A 537 11.00 21.51 -2.33
CA ASP A 537 10.90 22.90 -1.96
C ASP A 537 10.99 23.05 -0.49
N MET A 538 10.31 22.16 0.25
CA MET A 538 10.29 22.33 1.68
C MET A 538 11.59 22.05 2.29
N LEU A 539 12.20 20.92 1.95
CA LEU A 539 13.47 20.55 2.62
C LEU A 539 14.60 21.52 2.17
N ASP A 540 14.60 22.01 0.93
CA ASP A 540 15.57 23.04 0.55
C ASP A 540 15.32 24.34 1.30
N TYR A 541 14.04 24.67 1.48
CA TYR A 541 13.69 25.89 2.17
C TYR A 541 14.10 25.88 3.61
N PHE A 542 13.73 24.83 4.33
CA PHE A 542 14.08 24.78 5.73
C PHE A 542 15.59 24.59 6.00
N ASN A 543 16.29 24.11 5.01
CA ASN A 543 17.76 23.96 5.14
C ASN A 543 18.47 25.39 5.09
N ILE A 544 17.80 26.41 4.59
CA ILE A 544 18.39 27.73 4.38
C ILE A 544 18.30 28.51 5.66
N ASP A 545 19.41 29.08 6.01
CA ASP A 545 19.49 29.96 7.14
C ASP A 545 18.31 30.96 7.19
N PRO A 546 17.69 31.17 8.34
CA PRO A 546 16.40 31.93 8.32
C PRO A 546 16.46 33.34 7.72
N TYR A 547 17.50 34.08 8.02
CA TYR A 547 17.66 35.39 7.36
C TYR A 547 17.57 35.26 5.84
N PHE A 548 18.11 34.17 5.25
CA PHE A 548 18.09 34.06 3.76
C PHE A 548 16.81 33.54 3.15
N ARG A 549 15.88 33.09 4.01
CA ARG A 549 14.60 32.56 3.49
C ARG A 549 13.80 33.62 2.75
N GLN A 550 14.01 34.89 3.08
CA GLN A 550 13.34 35.95 2.33
C GLN A 550 13.59 35.93 0.83
N TYR A 551 14.69 35.36 0.39
CA TYR A 551 14.98 35.22 -1.07
C TYR A 551 14.37 33.99 -1.69
N HIS A 552 13.67 33.20 -0.86
CA HIS A 552 13.16 31.90 -1.26
C HIS A 552 11.71 31.65 -0.73
N GLN A 553 10.93 32.72 -0.64
CA GLN A 553 9.52 32.67 -0.32
C GLN A 553 8.80 31.83 -1.36
N ASN A 554 9.28 31.81 -2.58
CA ASN A 554 8.62 31.04 -3.59
C ASN A 554 8.62 29.51 -3.26
N ASN A 555 9.62 29.03 -2.54
CA ASN A 555 9.60 27.63 -2.15
C ASN A 555 8.32 27.29 -1.33
N VAL A 556 7.85 28.27 -0.54
CA VAL A 556 6.78 28.04 0.37
C VAL A 556 5.50 27.89 -0.40
N THR A 557 5.37 28.63 -1.49
CA THR A 557 4.10 28.79 -2.18
C THR A 557 4.03 28.22 -3.57
N PHE A 558 5.16 27.90 -4.18
CA PHE A 558 5.12 27.39 -5.54
C PHE A 558 4.23 26.16 -5.73
N SER A 559 4.21 25.22 -4.78
CA SER A 559 3.57 23.97 -5.13
C SER A 559 2.06 24.16 -5.29
N MET A 560 1.49 25.23 -4.71
CA MET A 560 0.04 25.49 -4.92
C MET A 560 -0.32 25.89 -6.34
N LEU A 561 0.64 26.19 -7.22
CA LEU A 561 0.32 26.46 -8.61
C LEU A 561 -0.08 25.27 -9.43
N TYR A 562 0.56 24.11 -9.31
CA TYR A 562 0.20 22.94 -10.10
C TYR A 562 -0.62 21.98 -9.22
N TYR A 563 -0.85 22.33 -7.96
CA TYR A 563 -1.40 21.39 -6.94
C TYR A 563 -2.68 20.68 -7.44
N TYR A 564 -3.55 21.41 -8.16
CA TYR A 564 -4.85 20.82 -8.52
C TYR A 564 -4.79 19.94 -9.73
N ASN A 565 -3.64 19.78 -10.37
CA ASN A 565 -3.56 18.75 -11.42
C ASN A 565 -3.51 17.27 -11.01
N GLU A 566 -3.28 17.01 -9.74
CA GLU A 566 -3.23 15.64 -9.24
C GLU A 566 -3.86 15.71 -7.88
N ASN A 567 -4.10 14.56 -7.28
CA ASN A 567 -4.36 14.49 -5.89
C ASN A 567 -3.05 14.19 -5.15
N PHE A 568 -2.53 15.14 -4.40
CA PHE A 568 -1.18 14.99 -3.88
C PHE A 568 -1.17 14.40 -2.52
N MET A 569 -0.18 13.52 -2.34
CA MET A 569 0.26 13.06 -1.00
C MET A 569 1.56 13.83 -0.65
N LEU A 570 1.59 14.53 0.48
CA LEU A 570 2.78 15.23 0.96
C LEU A 570 3.59 14.22 1.79
N ALA A 571 4.64 13.72 1.18
CA ALA A 571 5.50 12.68 1.78
C ALA A 571 6.90 13.13 2.02
N LEU A 572 7.34 12.94 3.27
CA LEU A 572 8.70 13.09 3.69
C LEU A 572 9.13 11.68 4.07
N SER A 573 9.79 11.04 3.11
CA SER A 573 10.04 9.64 3.20
C SER A 573 11.42 9.17 3.64
N HIS A 574 11.55 7.82 3.76
CA HIS A 574 12.82 7.21 4.07
C HIS A 574 13.95 7.66 3.16
N ASP A 575 13.66 7.92 1.90
CA ASP A 575 14.71 8.19 0.97
C ASP A 575 15.36 9.53 1.28
N GLU A 576 14.74 10.30 2.18
CA GLU A 576 15.23 11.65 2.39
C GLU A 576 16.05 11.74 3.66
N ILE A 577 16.22 10.64 4.38
CA ILE A 577 17.06 10.66 5.57
C ILE A 577 18.13 9.57 5.55
N VAL A 578 18.71 9.40 4.37
CA VAL A 578 19.84 8.47 4.15
C VAL A 578 20.89 9.14 3.24
N HIS A 579 21.99 8.44 3.04
CA HIS A 579 23.01 8.75 2.07
C HIS A 579 23.50 10.14 2.23
N GLY A 580 23.72 10.60 3.47
CA GLY A 580 24.35 11.95 3.72
C GLY A 580 23.34 13.05 3.60
N LYS A 581 22.03 12.76 3.50
CA LYS A 581 21.08 13.89 3.54
C LYS A 581 20.72 14.41 4.94
N SER A 582 21.12 13.68 5.97
CA SER A 582 20.77 13.88 7.38
C SER A 582 19.32 13.50 7.70
N ASN A 583 19.11 13.13 8.98
CA ASN A 583 17.79 13.12 9.51
C ASN A 583 17.27 14.55 9.64
N MET A 584 16.00 14.68 10.01
CA MET A 584 15.29 16.00 9.97
C MET A 584 15.88 17.08 10.81
N LEU A 585 16.25 16.77 12.04
CA LEU A 585 16.90 17.77 12.87
C LEU A 585 18.19 18.31 12.31
N GLY A 586 18.95 17.39 11.70
CA GLY A 586 20.29 17.69 11.16
C GLY A 586 20.22 18.49 9.89
N LYS A 587 19.10 18.51 9.20
CA LYS A 587 18.93 19.38 8.05
C LYS A 587 18.77 20.86 8.44
N MET A 588 18.42 21.12 9.70
CA MET A 588 17.99 22.42 10.12
C MET A 588 19.14 23.30 10.68
N PRO A 589 19.15 24.57 10.30
CA PRO A 589 20.14 25.53 10.77
C PRO A 589 19.86 26.01 12.19
N GLY A 590 20.95 26.40 12.87
CA GLY A 590 20.94 27.04 14.17
C GLY A 590 21.23 26.10 15.28
N ASP A 591 20.93 26.54 16.50
CA ASP A 591 21.27 25.80 17.70
C ASP A 591 20.13 24.77 17.93
N GLU A 592 20.23 24.02 19.01
CA GLU A 592 19.39 22.90 19.20
C GLU A 592 17.93 23.38 19.21
N TRP A 593 17.69 24.45 19.96
CA TRP A 593 16.31 24.96 20.07
C TRP A 593 15.74 25.29 18.70
N GLN A 594 16.49 25.95 17.85
CA GLN A 594 15.98 26.32 16.56
C GLN A 594 15.83 25.09 15.64
N LYS A 595 16.69 24.07 15.80
CA LYS A 595 16.54 22.90 14.95
C LYS A 595 15.14 22.25 15.25
N TYR A 596 14.84 22.06 16.52
CA TYR A 596 13.51 21.51 16.91
C TYR A 596 12.39 22.41 16.41
N ALA A 597 12.56 23.71 16.59
CA ALA A 597 11.52 24.64 16.20
C ALA A 597 11.30 24.59 14.71
N ASN A 598 12.37 24.43 13.94
CA ASN A 598 12.18 24.33 12.51
C ASN A 598 11.41 23.05 12.14
N VAL A 599 11.71 21.95 12.80
CA VAL A 599 11.04 20.68 12.54
C VAL A 599 9.51 20.88 12.87
N ARG A 600 9.18 21.53 13.99
CA ARG A 600 7.75 21.69 14.33
C ARG A 600 7.07 22.59 13.34
N ALA A 601 7.76 23.64 12.91
CA ALA A 601 7.14 24.59 12.00
C ALA A 601 6.91 23.89 10.67
N LEU A 602 7.91 23.13 10.21
CA LEU A 602 7.76 22.46 8.91
C LEU A 602 6.58 21.49 8.95
N PHE A 603 6.53 20.67 9.98
CA PHE A 603 5.47 19.64 10.01
C PHE A 603 4.05 20.18 10.31
N THR A 604 3.94 21.29 11.06
CA THR A 604 2.62 21.97 11.29
C THR A 604 2.13 22.54 9.96
N TYR A 605 3.06 23.13 9.20
CA TYR A 605 2.77 23.56 7.84
C TYR A 605 2.40 22.42 6.90
N MET A 606 3.09 21.27 7.00
CA MET A 606 2.77 20.13 6.14
C MET A 606 1.34 19.62 6.48
N TYR A 607 1.03 19.58 7.76
CA TYR A 607 -0.25 19.06 8.16
C TYR A 607 -1.44 20.06 7.90
N THR A 608 -1.16 21.36 7.63
CA THR A 608 -2.18 22.35 7.31
C THR A 608 -2.28 22.68 5.84
N HIS A 609 -1.21 22.42 5.12
CA HIS A 609 -1.18 22.53 3.70
C HIS A 609 -2.08 21.48 3.10
N PRO A 610 -2.75 21.79 1.99
CA PRO A 610 -3.53 20.76 1.39
C PRO A 610 -2.72 19.52 0.92
N GLY A 611 -3.36 18.37 1.11
CA GLY A 611 -2.86 17.09 0.67
C GLY A 611 -2.85 16.09 1.79
N LYS A 612 -2.74 14.79 1.43
CA LYS A 612 -2.61 13.77 2.46
C LYS A 612 -1.16 13.77 3.04
N LYS A 613 -0.91 13.06 4.13
CA LYS A 613 0.39 13.16 4.85
C LYS A 613 1.09 11.79 4.95
N THR A 614 2.42 11.78 4.74
CA THR A 614 3.27 10.55 4.99
C THR A 614 4.55 11.05 5.62
N MET A 615 4.96 10.46 6.75
CA MET A 615 6.26 10.64 7.29
C MET A 615 6.82 9.29 7.78
N PHE A 616 8.15 9.23 7.91
CA PHE A 616 8.89 8.00 8.11
C PHE A 616 9.31 7.87 9.55
N MET A 617 9.30 6.65 10.00
CA MET A 617 9.75 6.34 11.34
C MET A 617 11.07 7.05 11.68
N SER A 618 11.15 7.54 12.91
CA SER A 618 12.29 8.26 13.55
C SER A 618 12.09 9.77 13.43
N MET A 619 11.36 10.21 12.42
CA MET A 619 11.10 11.64 12.27
C MET A 619 10.22 12.20 13.46
N GLU A 620 9.42 11.33 14.06
CA GLU A 620 8.39 11.74 15.02
C GLU A 620 9.00 11.97 16.41
N PHE A 621 10.24 11.51 16.63
CA PHE A 621 10.91 11.75 17.91
C PHE A 621 12.26 12.40 17.82
N GLY A 622 12.60 12.91 16.65
CA GLY A 622 13.86 13.63 16.46
C GLY A 622 15.10 12.76 16.56
N GLN A 623 15.14 11.66 15.81
CA GLN A 623 16.38 10.93 15.72
C GLN A 623 17.44 11.82 15.05
N TRP A 624 18.62 11.91 15.65
CA TRP A 624 19.76 12.67 15.07
C TRP A 624 20.38 11.95 13.92
N SER A 625 20.59 10.65 14.00
CA SER A 625 21.27 10.03 12.90
C SER A 625 20.29 9.59 11.81
N GLU A 626 20.88 9.44 10.65
CA GLU A 626 20.24 8.93 9.48
C GLU A 626 19.65 7.58 9.75
N TRP A 627 18.66 7.21 8.96
CA TRP A 627 18.11 5.88 9.06
C TRP A 627 19.15 4.85 8.63
N ASN A 628 19.36 3.87 9.46
CA ASN A 628 20.33 2.79 9.14
C ASN A 628 19.61 1.45 9.24
N VAL A 629 19.48 0.82 8.12
CA VAL A 629 18.75 -0.36 7.93
C VAL A 629 19.37 -1.59 8.56
N ASN A 630 20.57 -1.52 9.05
CA ASN A 630 21.25 -2.61 9.75
C ASN A 630 21.15 -2.56 11.30
N GLY A 631 20.54 -1.51 11.82
CA GLY A 631 20.28 -1.45 13.21
C GLY A 631 18.83 -1.10 13.33
N ASP A 632 18.39 -0.79 14.57
CA ASP A 632 17.10 -0.31 14.76
C ASP A 632 17.12 1.15 15.19
N LEU A 633 15.93 1.70 15.39
CA LEU A 633 15.85 3.14 15.63
C LEU A 633 16.48 3.43 17.00
N GLU A 634 16.86 4.66 17.18
CA GLU A 634 17.58 5.07 18.47
C GLU A 634 16.57 5.41 19.52
N TRP A 635 15.85 4.41 19.94
CA TRP A 635 14.79 4.52 20.96
C TRP A 635 15.21 5.13 22.30
N HIS A 636 16.49 4.95 22.66
CA HIS A 636 17.00 5.54 23.94
C HIS A 636 16.83 7.10 24.01
N LEU A 637 16.74 7.77 22.86
CA LEU A 637 16.51 9.19 22.84
C LEU A 637 15.21 9.60 23.52
N LEU A 638 14.23 8.70 23.56
CA LEU A 638 12.98 8.99 24.18
C LEU A 638 13.04 9.01 25.73
N GLN A 639 14.21 8.77 26.30
CA GLN A 639 14.47 8.97 27.71
C GLN A 639 14.54 10.46 27.98
N TYR A 640 14.74 11.30 26.96
CA TYR A 640 15.09 12.70 27.19
C TYR A 640 13.98 13.62 26.73
N GLU A 641 13.80 14.68 27.50
CA GLU A 641 12.69 15.59 27.30
C GLU A 641 12.47 16.18 25.88
N PRO A 642 13.52 16.69 25.25
CA PRO A 642 13.32 17.27 23.94
C PRO A 642 12.68 16.30 22.94
N HIS A 643 13.12 15.06 22.98
CA HIS A 643 12.57 14.04 22.10
C HIS A 643 11.15 13.66 22.45
N GLN A 644 10.90 13.61 23.75
CA GLN A 644 9.54 13.39 24.28
C GLN A 644 8.58 14.50 23.87
N GLN A 645 9.06 15.73 23.98
CA GLN A 645 8.23 16.83 23.57
C GLN A 645 7.93 16.85 22.08
N LEU A 646 8.91 16.53 21.23
CA LEU A 646 8.59 16.48 19.83
C LEU A 646 7.60 15.33 19.55
N LYS A 647 7.73 14.21 20.24
CA LYS A 647 6.78 13.14 20.00
C LYS A 647 5.34 13.53 20.44
N GLN A 648 5.23 14.24 21.55
CA GLN A 648 3.91 14.74 21.99
C GLN A 648 3.35 15.71 20.99
N PHE A 649 4.23 16.54 20.44
CA PHE A 649 3.84 17.43 19.36
C PHE A 649 3.20 16.61 18.27
N PHE A 650 3.85 15.58 17.80
CA PHE A 650 3.23 14.87 16.66
C PHE A 650 1.95 14.15 17.05
N THR A 651 1.89 13.67 18.28
CA THR A 651 0.71 13.03 18.82
C THR A 651 -0.51 13.99 18.78
N ASP A 652 -0.28 15.22 19.23
CA ASP A 652 -1.34 16.22 19.27
C ASP A 652 -1.71 16.74 17.87
N LEU A 653 -0.73 16.82 16.97
CA LEU A 653 -0.99 17.28 15.63
C LEU A 653 -1.81 16.26 14.88
N ASN A 654 -1.47 14.98 15.00
CA ASN A 654 -2.31 13.94 14.43
C ASN A 654 -3.73 13.98 14.97
N ALA A 655 -3.92 14.18 16.31
CA ALA A 655 -5.29 14.29 16.87
C ALA A 655 -6.06 15.48 16.28
N LEU A 656 -5.38 16.63 16.16
CA LEU A 656 -5.99 17.79 15.59
C LEU A 656 -6.41 17.50 14.18
N TYR A 657 -5.52 16.79 13.43
CA TYR A 657 -5.78 16.47 12.00
C TYR A 657 -7.07 15.66 11.88
N GLN A 658 -7.29 14.70 12.75
CA GLN A 658 -8.47 13.86 12.64
C GLN A 658 -9.71 14.60 13.15
N GLN A 659 -9.50 15.61 13.95
CA GLN A 659 -10.59 16.31 14.55
C GLN A 659 -11.11 17.49 13.73
N GLU A 660 -10.32 18.05 12.83
CA GLU A 660 -10.75 19.26 12.11
C GLU A 660 -11.07 18.96 10.67
N PRO A 661 -12.35 18.94 10.29
CA PRO A 661 -12.72 18.56 8.94
C PRO A 661 -12.05 19.42 7.87
N ALA A 662 -11.78 20.70 8.17
CA ALA A 662 -11.23 21.52 7.14
C ALA A 662 -9.76 21.08 6.78
N LEU A 663 -9.14 20.26 7.61
CA LEU A 663 -7.81 19.68 7.30
C LEU A 663 -7.89 18.46 6.38
N TYR A 664 -9.08 17.99 6.02
CA TYR A 664 -9.12 16.80 5.21
C TYR A 664 -10.30 16.64 4.23
N THR A 665 -11.44 17.32 4.41
CA THR A 665 -12.60 17.08 3.49
C THR A 665 -12.42 17.64 2.12
N HIS A 666 -11.71 18.73 2.00
CA HIS A 666 -11.60 19.38 0.71
C HIS A 666 -10.17 19.65 0.23
N ASP A 667 -9.27 18.70 0.53
CA ASP A 667 -7.91 18.75 0.06
C ASP A 667 -7.81 19.02 -1.41
N PHE A 668 -8.69 18.43 -2.16
CA PHE A 668 -8.53 18.44 -3.61
C PHE A 668 -9.55 19.38 -4.32
N GLU A 669 -10.13 20.34 -3.61
CA GLU A 669 -11.08 21.28 -4.24
C GLU A 669 -10.62 22.65 -3.91
N TYR A 670 -10.84 23.57 -4.83
CA TYR A 670 -10.50 24.97 -4.55
C TYR A 670 -11.08 25.51 -3.26
N HIS A 671 -12.29 25.11 -2.97
CA HIS A 671 -12.97 25.56 -1.77
C HIS A 671 -12.11 25.31 -0.52
N GLY A 672 -11.32 24.21 -0.54
CA GLY A 672 -10.60 23.79 0.67
C GLY A 672 -9.46 24.67 1.09
N PHE A 673 -9.00 25.54 0.22
CA PHE A 673 -7.84 26.37 0.50
C PHE A 673 -7.91 27.78 -0.12
N GLU A 674 -7.35 28.74 0.61
CA GLU A 674 -7.08 30.05 0.02
C GLU A 674 -6.04 30.81 0.75
N TRP A 675 -5.08 31.35 0.02
CA TRP A 675 -4.09 32.21 0.67
C TRP A 675 -4.78 33.45 1.22
N ILE A 676 -4.44 33.82 2.41
CA ILE A 676 -4.78 35.11 2.95
C ILE A 676 -3.72 36.08 2.47
N ASP A 677 -2.47 35.89 2.87
CA ASP A 677 -1.39 36.69 2.28
C ASP A 677 -0.06 35.90 2.26
N CYS A 678 0.67 36.01 1.17
CA CYS A 678 2.04 35.59 1.16
C CYS A 678 3.09 36.52 0.59
N ASN A 679 2.82 37.82 0.61
CA ASN A 679 3.81 38.82 0.11
C ASN A 679 4.82 39.25 1.12
N ASP A 680 4.68 38.88 2.41
CA ASP A 680 5.70 39.27 3.36
C ASP A 680 6.88 38.30 3.30
N ASN A 681 7.65 38.36 2.21
CA ASN A 681 8.89 37.55 2.14
C ASN A 681 9.96 38.00 3.09
N THR A 682 9.98 39.30 3.39
CA THR A 682 10.97 39.91 4.24
C THR A 682 10.93 39.32 5.62
N HIS A 683 9.76 38.96 6.14
CA HIS A 683 9.71 38.29 7.44
C HIS A 683 9.42 36.77 7.33
N SER A 684 9.34 36.26 6.12
CA SER A 684 9.05 34.83 5.94
C SER A 684 7.78 34.39 6.63
N VAL A 685 6.69 35.09 6.33
CA VAL A 685 5.38 34.86 6.92
C VAL A 685 4.42 34.54 5.81
N VAL A 686 3.59 33.51 6.01
CA VAL A 686 2.45 33.31 5.09
C VAL A 686 1.23 32.92 5.92
N SER A 687 0.03 33.01 5.33
CA SER A 687 -1.19 32.75 6.06
C SER A 687 -2.23 32.27 5.06
N PHE A 688 -3.11 31.39 5.51
CA PHE A 688 -4.12 30.93 4.64
C PHE A 688 -5.37 30.37 5.39
N LEU A 689 -6.41 30.07 4.64
CA LEU A 689 -7.65 29.50 5.17
C LEU A 689 -7.77 28.05 4.75
N ARG A 690 -8.35 27.20 5.60
CA ARG A 690 -8.83 25.90 5.14
C ARG A 690 -10.31 25.86 5.42
N ARG A 691 -11.04 25.21 4.54
CA ARG A 691 -12.50 25.15 4.65
C ARG A 691 -13.01 23.72 4.42
N SER A 692 -14.22 23.47 4.97
CA SER A 692 -14.93 22.23 4.82
C SER A 692 -16.43 22.52 4.39
N ASP A 693 -17.30 21.55 4.56
CA ASP A 693 -18.75 21.65 4.17
C ASP A 693 -19.45 22.72 5.04
N ASP A 694 -19.15 22.67 6.33
CA ASP A 694 -19.63 23.64 7.25
C ASP A 694 -18.73 24.90 7.43
N PRO A 695 -19.29 26.09 7.20
CA PRO A 695 -18.49 27.34 7.29
C PRO A 695 -17.92 27.63 8.66
N ASN A 696 -18.55 27.09 9.71
CA ASN A 696 -17.96 27.18 11.03
C ASN A 696 -16.79 26.23 11.31
N ASP A 697 -16.45 25.39 10.34
CA ASP A 697 -15.25 24.56 10.44
C ASP A 697 -14.00 25.22 9.81
N SER A 698 -14.16 26.44 9.31
CA SER A 698 -13.04 27.13 8.64
C SER A 698 -11.90 27.42 9.53
N LEU A 699 -10.68 27.29 8.98
CA LEU A 699 -9.51 27.54 9.83
C LEU A 699 -8.68 28.66 9.28
N VAL A 700 -7.96 29.32 10.18
CA VAL A 700 -6.94 30.28 9.76
C VAL A 700 -5.58 29.81 10.22
N VAL A 701 -4.64 29.79 9.28
CA VAL A 701 -3.34 29.25 9.62
C VAL A 701 -2.31 30.33 9.35
N VAL A 702 -1.42 30.54 10.29
CA VAL A 702 -0.43 31.60 10.15
C VAL A 702 0.95 31.02 10.46
N CYS A 703 1.91 31.24 9.56
CA CYS A 703 3.24 30.67 9.67
C CYS A 703 4.31 31.73 9.80
N ASN A 704 5.20 31.54 10.75
CA ASN A 704 6.31 32.41 10.92
C ASN A 704 7.60 31.58 10.81
N PHE A 705 8.26 31.64 9.66
CA PHE A 705 9.44 30.89 9.41
C PHE A 705 10.81 31.54 9.68
N THR A 706 10.86 32.49 10.62
CA THR A 706 12.14 32.89 11.18
C THR A 706 12.02 32.86 12.70
N PRO A 707 13.14 32.82 13.42
CA PRO A 707 13.14 32.93 14.86
C PRO A 707 12.81 34.34 15.46
N GLN A 708 12.43 35.26 14.63
CA GLN A 708 12.08 36.65 15.06
C GLN A 708 10.57 36.63 15.40
N PRO A 709 10.18 36.81 16.67
CA PRO A 709 8.77 36.95 16.90
C PRO A 709 8.22 38.26 16.40
N HIS A 710 6.92 38.33 16.19
CA HIS A 710 6.28 39.61 15.80
C HIS A 710 5.13 39.91 16.75
N SER A 711 5.00 41.17 17.13
CA SER A 711 4.06 41.51 18.22
C SER A 711 2.67 41.93 17.85
N HIS A 712 2.53 42.74 16.84
CA HIS A 712 1.14 43.21 16.59
C HIS A 712 1.02 43.09 15.14
N TYR A 713 0.95 41.83 14.66
CA TYR A 713 1.05 41.47 13.23
C TYR A 713 -0.34 41.19 12.76
N ARG A 714 -0.78 41.91 11.76
CA ARG A 714 -2.16 41.85 11.38
C ARG A 714 -2.34 40.88 10.23
N ILE A 715 -3.40 40.08 10.31
CA ILE A 715 -3.79 39.09 9.32
C ILE A 715 -5.29 39.27 9.06
N GLY A 716 -5.68 39.48 7.83
CA GLY A 716 -7.08 39.51 7.49
C GLY A 716 -7.81 38.19 7.69
N VAL A 717 -9.06 38.29 8.16
CA VAL A 717 -9.92 37.14 8.36
C VAL A 717 -11.32 37.48 7.80
N PRO A 718 -12.08 36.45 7.37
CA PRO A 718 -13.27 36.84 6.63
C PRO A 718 -14.48 37.24 7.51
N GLU A 719 -14.43 37.05 8.83
CA GLU A 719 -15.59 37.28 9.69
C GLU A 719 -15.28 37.75 11.06
N ALA A 720 -16.25 38.45 11.67
CA ALA A 720 -16.15 38.90 13.05
C ALA A 720 -16.24 37.73 13.98
N GLY A 721 -15.68 37.93 15.16
CA GLY A 721 -15.76 36.93 16.23
C GLY A 721 -14.43 36.65 16.93
N TYR A 722 -14.51 35.69 17.84
CA TYR A 722 -13.39 35.28 18.66
C TYR A 722 -12.74 34.07 17.98
N TYR A 723 -11.50 34.28 17.56
CA TYR A 723 -10.70 33.19 16.94
C TYR A 723 -9.89 32.49 18.00
N VAL A 724 -10.30 31.27 18.31
CA VAL A 724 -9.65 30.43 19.30
C VAL A 724 -8.33 29.93 18.71
N GLU A 725 -7.28 29.95 19.51
CA GLU A 725 -6.04 29.25 19.19
C GLU A 725 -6.22 27.75 19.35
N LEU A 726 -6.50 27.02 18.29
CA LEU A 726 -6.49 25.54 18.38
C LEU A 726 -5.08 24.97 18.59
N PHE A 727 -4.06 25.59 18.01
CA PHE A 727 -2.72 24.96 18.03
C PHE A 727 -1.67 26.03 17.89
N ASN A 728 -0.61 25.89 18.65
CA ASN A 728 0.46 26.84 18.58
C ASN A 728 1.73 26.02 18.75
N SER A 729 2.51 25.89 17.64
CA SER A 729 3.71 25.03 17.71
C SER A 729 4.81 25.56 18.60
N ASP A 730 4.69 26.80 19.08
CA ASP A 730 5.66 27.30 20.06
C ASP A 730 5.25 27.01 21.54
N ALA A 731 4.14 26.29 21.79
CA ALA A 731 3.76 25.97 23.18
C ALA A 731 4.90 25.26 23.90
N LYS A 732 5.04 25.57 25.16
CA LYS A 732 6.12 25.02 25.91
C LYS A 732 6.12 23.49 26.02
N GLN A 733 4.97 22.88 26.01
CA GLN A 733 4.86 21.44 26.16
C GLN A 733 5.42 20.76 24.86
N TYR A 734 5.62 21.54 23.79
CA TYR A 734 6.22 21.04 22.57
C TYR A 734 7.68 21.40 22.52
N GLY A 735 8.21 21.99 23.58
CA GLY A 735 9.64 22.48 23.50
C GLY A 735 9.80 23.96 23.11
N GLY A 736 8.67 24.64 22.91
CA GLY A 736 8.70 25.99 22.34
C GLY A 736 8.96 26.97 23.48
N SER A 737 9.01 28.27 23.14
CA SER A 737 9.30 29.35 24.13
C SER A 737 7.98 29.83 24.78
N ASN A 738 6.86 29.39 24.27
CA ASN A 738 5.57 29.70 24.87
C ASN A 738 5.03 31.07 24.58
N MET A 739 5.50 31.73 23.53
CA MET A 739 4.82 32.89 23.03
C MET A 739 3.58 32.48 22.31
N GLY A 740 2.66 33.44 22.18
CA GLY A 740 1.38 33.11 21.64
C GLY A 740 0.28 34.13 21.92
N ASN A 741 -0.97 33.77 21.60
CA ASN A 741 -2.09 34.71 21.77
C ASN A 741 -2.96 34.35 23.00
N LEU A 742 -2.40 33.66 23.96
CA LEU A 742 -3.07 33.44 25.22
C LEU A 742 -4.43 32.73 25.09
N GLY A 743 -4.66 32.04 23.96
CA GLY A 743 -5.80 31.17 23.74
C GLY A 743 -6.70 31.64 22.63
N GLY A 744 -6.53 32.88 22.21
CA GLY A 744 -7.43 33.33 21.14
C GLY A 744 -7.47 34.82 21.05
N LYS A 745 -8.21 35.30 20.08
CA LYS A 745 -8.26 36.71 19.87
C LYS A 745 -9.48 37.13 19.17
N TRP A 746 -9.97 38.31 19.60
CA TRP A 746 -11.13 38.95 18.97
C TRP A 746 -10.68 39.63 17.69
N ALA A 747 -11.40 39.42 16.61
CA ALA A 747 -11.09 40.09 15.39
C ALA A 747 -11.49 41.54 15.52
N ASP A 748 -10.81 42.44 14.80
CA ASP A 748 -11.18 43.86 14.69
C ASP A 748 -11.85 44.13 13.37
N GLU A 749 -12.79 45.05 13.38
CA GLU A 749 -13.37 45.53 12.15
C GLU A 749 -12.41 46.53 11.51
N TRP A 750 -11.44 45.98 10.79
CA TRP A 750 -10.26 46.70 10.36
C TRP A 750 -9.84 45.93 9.12
N SER A 751 -10.23 46.46 7.98
CA SER A 751 -9.95 45.82 6.71
C SER A 751 -8.44 45.58 6.54
N PHE A 752 -8.09 44.40 6.01
CA PHE A 752 -6.69 43.99 5.80
C PHE A 752 -6.57 42.78 4.85
N HIS A 753 -5.53 42.73 4.03
CA HIS A 753 -5.45 41.64 3.06
C HIS A 753 -6.75 41.39 2.29
N ASN A 754 -7.45 42.48 2.02
CA ASN A 754 -8.73 42.43 1.30
C ASN A 754 -9.81 41.74 2.00
N LYS A 755 -9.81 41.81 3.29
CA LYS A 755 -10.83 41.18 4.03
C LYS A 755 -11.36 42.19 5.01
N PRO A 756 -12.63 42.07 5.35
CA PRO A 756 -13.29 43.12 6.17
C PRO A 756 -12.84 43.13 7.60
N TYR A 757 -12.49 41.95 8.15
CA TYR A 757 -12.03 41.87 9.55
C TYR A 757 -10.55 41.48 9.61
N SER A 758 -9.92 41.57 10.80
CA SER A 758 -8.53 41.28 10.90
C SER A 758 -8.15 40.92 12.29
N LEU A 759 -7.04 40.16 12.44
CA LEU A 759 -6.60 39.76 13.75
C LEU A 759 -5.29 40.43 13.99
N ASP A 760 -5.07 40.90 15.20
CA ASP A 760 -3.88 41.57 15.56
C ASP A 760 -3.13 40.60 16.45
N LEU A 761 -2.18 39.86 15.87
CA LEU A 761 -1.61 38.67 16.51
C LEU A 761 -0.22 38.85 17.03
N CYS A 762 0.12 38.06 18.04
CA CYS A 762 1.51 37.79 18.33
C CYS A 762 1.88 36.55 17.51
N LEU A 763 2.98 36.58 16.76
CA LEU A 763 3.50 35.43 15.98
C LEU A 763 4.75 34.88 16.69
N PRO A 764 4.65 33.66 17.26
CA PRO A 764 5.76 33.13 18.00
C PRO A 764 6.85 32.82 17.02
N PRO A 765 8.07 32.63 17.55
CA PRO A 765 9.20 32.37 16.70
C PRO A 765 9.19 30.94 16.11
N LEU A 766 9.50 30.84 14.81
CA LEU A 766 9.65 29.57 14.08
C LEU A 766 8.48 28.69 14.41
N ALA A 767 7.30 29.16 14.05
CA ALA A 767 6.11 28.56 14.52
C ALA A 767 4.92 28.81 13.68
N VAL A 768 3.93 27.94 13.88
CA VAL A 768 2.71 28.00 13.11
C VAL A 768 1.57 27.98 14.10
N LEU A 769 0.56 28.80 13.79
CA LEU A 769 -0.68 28.93 14.57
C LEU A 769 -1.83 28.43 13.75
N ILE A 770 -2.74 27.76 14.42
CA ILE A 770 -3.97 27.35 13.77
C ILE A 770 -5.11 27.91 14.63
N LEU A 771 -5.96 28.70 13.98
CA LEU A 771 -7.04 29.42 14.67
C LEU A 771 -8.40 29.09 14.07
N LYS A 772 -9.41 29.12 14.94
CA LYS A 772 -10.77 28.78 14.53
C LYS A 772 -11.78 29.74 15.21
N LEU A 773 -12.61 30.41 14.41
CA LEU A 773 -13.68 31.30 14.88
C LEU A 773 -14.62 30.45 15.67
N ASP A 774 -14.82 30.77 16.94
CA ASP A 774 -15.87 30.15 17.77
C ASP A 774 -17.13 31.11 17.71
N PRO A 775 -18.12 30.85 16.83
CA PRO A 775 -19.21 31.87 16.78
C PRO A 775 -20.19 31.84 17.97
N THR A 776 -20.00 30.94 18.91
CA THR A 776 -20.78 30.97 20.12
C THR A 776 -20.04 31.63 21.32
N LYS A 777 -18.98 32.41 21.09
CA LYS A 777 -18.33 33.09 22.20
C LYS A 777 -19.00 34.49 22.39
N VAL A 778 -19.18 34.89 23.67
CA VAL A 778 -19.94 36.12 24.08
C VAL A 778 -19.07 37.34 24.48
N PRO A 779 -19.27 38.51 23.80
CA PRO A 779 -18.36 39.68 24.05
C PRO A 779 -18.51 40.40 25.39
C1 GLC B . 13.27 5.87 -5.60
C2 GLC B . 14.64 6.47 -5.24
C3 GLC B . 15.66 5.29 -5.17
C4 GLC B . 15.31 4.18 -4.12
C5 GLC B . 13.80 3.85 -4.17
C6 GLC B . 13.44 3.13 -2.87
O2 GLC B . 14.99 7.46 -6.18
O3 GLC B . 16.95 5.80 -5.02
O4 GLC B . 16.03 2.93 -4.16
O5 GLC B . 13.00 5.03 -4.45
O6 GLC B . 13.98 3.62 -1.65
C1 GLC B . 16.72 2.50 -2.94
C2 GLC B . 18.15 3.03 -2.60
C3 GLC B . 19.20 2.48 -3.57
C4 GLC B . 19.19 0.98 -3.63
C5 GLC B . 17.76 0.43 -3.76
C6 GLC B . 17.74 -1.05 -3.28
O2 GLC B . 18.31 4.46 -2.56
O3 GLC B . 20.44 2.99 -3.18
O4 GLC B . 19.90 0.53 -4.80
O5 GLC B . 16.79 1.10 -2.98
O6 GLC B . 16.98 -1.85 -4.11
C1 GLC B . 21.32 0.23 -4.62
C2 GLC B . 22.04 0.11 -6.00
C3 GLC B . 21.68 -1.31 -6.54
C4 GLC B . 22.02 -2.43 -5.55
C5 GLC B . 21.23 -2.18 -4.24
C6 GLC B . 21.44 -3.21 -3.13
O2 GLC B . 21.66 1.22 -6.84
O3 GLC B . 22.24 -1.66 -7.78
O4 GLC B . 21.69 -3.68 -6.12
O5 GLC B . 21.56 -0.89 -3.75
O6 GLC B . 22.79 -3.15 -2.68
C1 GLC B . 22.81 -4.36 -6.79
C2 GLC B . 22.29 -5.57 -7.63
C3 GLC B . 21.67 -6.63 -6.72
C4 GLC B . 22.77 -7.10 -5.74
C5 GLC B . 23.39 -5.90 -4.98
C6 GLC B . 24.60 -6.39 -4.15
O2 GLC B . 21.31 -5.11 -8.52
O3 GLC B . 21.00 -7.70 -7.38
O4 GLC B . 22.33 -8.07 -4.79
O5 GLC B . 23.76 -4.78 -5.82
O6 GLC B . 24.87 -5.31 -3.31
C1 GLC B . 22.70 -9.38 -5.23
C2 GLC B . 21.55 -10.36 -4.92
C3 GLC B . 21.40 -10.58 -3.40
C4 GLC B . 22.79 -10.97 -2.80
C5 GLC B . 24.03 -10.11 -3.27
C6 GLC B . 25.38 -10.84 -3.21
O2 GLC B . 20.42 -9.87 -5.62
O3 GLC B . 20.55 -11.68 -3.12
O4 GLC B . 22.67 -11.20 -1.39
O5 GLC B . 23.93 -9.74 -4.64
O6 GLC B . 25.93 -10.41 -2.01
C1 GLC B . 23.02 -12.61 -1.15
C2 GLC B . 21.92 -13.42 -0.42
C3 GLC B . 21.58 -12.77 0.94
C4 GLC B . 22.89 -12.62 1.76
C5 GLC B . 24.01 -12.00 0.88
C6 GLC B . 25.41 -11.80 1.54
O2 GLC B . 20.79 -13.59 -1.22
O3 GLC B . 20.53 -13.57 1.53
O4 GLC B . 22.81 -11.75 2.86
O5 GLC B . 24.14 -12.77 -0.32
O6 GLC B . 25.89 -13.07 1.97
C1 GLC B . 21.84 -12.07 3.88
C2 GLC B . 21.42 -10.77 4.66
C3 GLC B . 22.40 -10.40 5.87
C4 GLC B . 22.94 -11.71 6.58
C5 GLC B . 23.36 -12.79 5.52
C6 GLC B . 23.99 -14.15 5.90
O2 GLC B . 20.91 -9.73 3.73
O3 GLC B . 21.95 -9.28 6.75
O4 GLC B . 24.10 -11.43 7.37
O5 GLC B . 22.27 -13.15 4.70
O6 GLC B . 24.46 -14.71 4.66
C1 GLC C . 2.06 -11.02 -28.27
C2 GLC C . 1.81 -11.24 -26.78
C3 GLC C . 2.46 -12.53 -26.22
C4 GLC C . 2.15 -13.73 -27.14
C5 GLC C . 2.58 -13.35 -28.57
C6 GLC C . 2.34 -14.49 -29.57
O1 GLC C . 3.39 -10.66 -28.53
O2 GLC C . 2.38 -10.15 -26.11
O3 GLC C . 2.11 -12.79 -24.87
O4 GLC C . 2.85 -14.91 -26.74
O5 GLC C . 1.84 -12.22 -28.99
O6 GLC C . 1.00 -14.97 -29.45
C1 GLC C . 2.22 -15.90 -25.97
C2 GLC C . 3.09 -16.40 -24.74
C3 GLC C . 4.37 -17.22 -25.05
C4 GLC C . 4.07 -18.20 -26.16
C5 GLC C . 3.32 -17.51 -27.32
C6 GLC C . 3.10 -18.45 -28.52
O2 GLC C . 3.43 -15.42 -23.82
O3 GLC C . 4.93 -17.95 -23.95
O4 GLC C . 5.29 -18.75 -26.59
O5 GLC C . 2.08 -16.98 -26.88
O6 GLC C . 2.38 -19.57 -28.09
C1 GLC C . 5.77 -19.92 -25.86
C2 GLC C . 7.28 -20.13 -26.08
C3 GLC C . 7.57 -20.47 -27.57
C4 GLC C . 6.77 -21.75 -27.90
C5 GLC C . 5.28 -21.77 -27.45
C6 GLC C . 4.74 -23.24 -27.24
O2 GLC C . 8.06 -19.07 -25.53
O3 GLC C . 8.95 -20.80 -27.65
O4 GLC C . 6.81 -22.10 -29.25
O5 GLC C . 5.04 -21.06 -26.23
O6 GLC C . 5.34 -23.91 -26.10
C1 GLC C . 7.61 -23.30 -29.53
C2 GLC C . 8.08 -23.14 -30.98
C3 GLC C . 6.89 -23.38 -31.93
C4 GLC C . 6.44 -24.84 -31.82
C5 GLC C . 6.04 -25.10 -30.36
C6 GLC C . 5.76 -26.58 -30.16
O2 GLC C . 8.60 -21.83 -31.09
O3 GLC C . 7.20 -22.96 -33.23
O4 GLC C . 5.38 -25.22 -32.68
O5 GLC C . 6.97 -24.59 -29.36
O6 GLC C . 6.41 -26.97 -28.97
C1 GLC D . 19.57 -28.12 -3.51
C2 GLC D . 18.46 -27.07 -3.30
C3 GLC D . 18.37 -26.55 -1.88
C4 GLC D . 18.24 -27.74 -0.93
C5 GLC D . 19.35 -28.79 -1.16
C6 GLC D . 19.18 -30.06 -0.33
O1 GLC D . 20.88 -27.53 -3.62
O2 GLC D . 18.49 -26.03 -4.24
O3 GLC D . 17.31 -25.64 -1.71
O4 GLC D . 18.42 -27.29 0.37
O5 GLC D . 19.48 -29.14 -2.50
O6 GLC D . 20.38 -30.76 -0.39
C1 GLC D . 17.23 -27.37 1.19
C2 GLC D . 16.94 -26.08 1.95
C3 GLC D . 17.97 -25.98 3.06
C4 GLC D . 17.94 -27.22 3.97
C5 GLC D . 18.31 -28.37 3.03
C6 GLC D . 18.39 -29.74 3.68
O2 GLC D . 17.15 -25.04 1.01
O3 GLC D . 17.81 -24.79 3.75
O4 GLC D . 19.02 -27.12 4.85
O5 GLC D . 17.27 -28.45 2.09
O6 GLC D . 17.19 -29.82 4.43
C1 GLC D . 18.61 -26.96 6.24
C2 GLC D . 19.74 -26.20 6.90
C3 GLC D . 20.99 -27.09 6.72
C4 GLC D . 20.75 -28.34 7.59
C5 GLC D . 19.51 -29.07 7.01
C6 GLC D . 19.14 -30.41 7.71
O2 GLC D . 19.76 -24.96 6.25
O3 GLC D . 22.21 -26.49 7.03
O4 GLC D . 21.89 -29.15 7.66
O5 GLC D . 18.39 -28.16 6.96
O6 GLC D . 18.91 -30.19 9.07
C1 GLC E . -13.40 14.13 -14.27
C2 GLC E . -12.36 14.77 -13.35
C3 GLC E . -11.81 13.69 -12.42
C4 GLC E . -12.95 13.27 -11.51
C5 GLC E . -14.03 12.71 -12.46
C6 GLC E . -15.24 12.11 -11.73
O2 GLC E . -11.29 15.47 -13.99
O3 GLC E . -10.72 14.15 -11.66
O4 GLC E . -12.41 12.28 -10.63
O5 GLC E . -14.46 13.68 -13.42
O6 GLC E . -15.45 12.75 -10.49
C1 GLC E . -12.35 12.50 -9.19
C2 GLC E . -10.91 12.40 -8.62
C3 GLC E . -10.32 11.03 -8.97
C4 GLC E . -11.22 9.92 -8.43
C5 GLC E . -12.74 10.15 -8.77
C6 GLC E . -13.65 9.30 -7.86
O2 GLC E . -10.09 13.37 -9.21
O3 GLC E . -8.96 10.92 -8.67
O4 GLC E . -10.73 8.76 -9.06
O5 GLC E . -13.16 11.53 -8.55
O6 GLC E . -13.28 9.81 -6.53
C1 GLC E . -10.01 7.85 -8.21
C2 GLC E . -8.83 7.31 -9.05
C3 GLC E . -9.34 6.49 -10.23
C4 GLC E . -10.31 5.40 -9.75
C5 GLC E . -11.35 6.00 -8.83
C6 GLC E . -12.26 4.88 -8.39
O2 GLC E . -8.01 8.38 -9.51
O3 GLC E . -8.28 5.87 -10.89
O4 GLC E . -10.93 4.87 -10.87
O5 GLC E . -10.79 6.77 -7.73
O6 GLC E . -13.31 5.46 -7.64
C1 GLC E . -10.57 3.58 -11.26
C2 GLC E . -10.16 3.55 -12.73
C3 GLC E . -11.41 3.82 -13.54
C4 GLC E . -12.51 2.81 -13.20
C5 GLC E . -12.86 2.92 -11.70
C6 GLC E . -13.89 1.94 -11.13
O2 GLC E . -9.20 4.55 -13.01
O3 GLC E . -11.08 3.68 -14.90
O4 GLC E . -13.58 3.14 -14.06
O5 GLC E . -11.65 2.67 -11.01
O6 GLC E . -14.25 2.30 -9.81
C1 GLC E . -14.57 2.10 -14.26
C2 GLC E . -14.74 1.87 -15.76
C3 GLC E . -15.28 3.14 -16.43
C4 GLC E . -16.60 3.51 -15.79
C5 GLC E . -16.46 3.59 -14.25
C6 GLC E . -17.76 3.80 -13.49
O2 GLC E . -13.52 1.45 -16.28
O3 GLC E . -15.46 2.98 -17.80
O4 GLC E . -16.81 4.80 -16.29
O5 GLC E . -15.84 2.45 -13.69
O6 GLC E . -18.59 2.66 -13.61
C1 GLC E . -18.06 5.10 -16.96
C2 GLC E . -17.73 5.57 -18.36
C3 GLC E . -17.09 6.95 -18.36
C4 GLC E . -17.86 7.95 -17.54
C5 GLC E . -17.98 7.33 -16.15
C6 GLC E . -18.65 8.19 -15.11
O2 GLC E . -16.73 4.71 -18.84
O3 GLC E . -16.92 7.53 -19.62
O4 GLC E . -16.99 9.07 -17.61
O5 GLC E . -18.73 6.13 -16.29
O6 GLC E . -18.88 7.40 -13.97
C1 GLC E . -17.67 10.32 -17.85
C2 GLC E . -16.66 11.38 -18.26
C3 GLC E . -15.84 11.92 -17.08
C4 GLC E . -16.74 12.36 -15.93
C5 GLC E . -17.59 11.14 -15.55
C6 GLC E . -18.52 11.23 -14.31
O2 GLC E . -15.78 10.80 -19.17
O3 GLC E . -15.04 13.00 -17.44
O4 GLC E . -15.87 12.81 -14.91
O5 GLC E . -18.37 10.71 -16.68
O6 GLC E . -18.47 12.41 -13.54
C1 GLC F . 2.33 46.83 -0.81
C2 GLC F . 1.88 45.36 -0.89
C3 GLC F . 1.75 44.64 0.48
C4 GLC F . 2.97 44.93 1.37
C5 GLC F . 2.97 46.49 1.47
C6 GLC F . 4.02 47.09 2.40
O1 GLC F . 1.27 47.73 -0.61
O2 GLC F . 0.66 45.36 -1.57
O3 GLC F . 1.44 43.26 0.43
O4 GLC F . 2.74 44.37 2.67
O5 GLC F . 3.29 47.02 0.22
O6 GLC F . 5.16 46.58 1.76
C1 GLC F . 3.33 43.06 2.94
C2 GLC F . 2.22 42.19 3.56
C3 GLC F . 1.83 42.72 4.93
C4 GLC F . 3.06 42.94 5.76
C5 GLC F . 4.06 43.79 5.02
C6 GLC F . 5.23 43.86 5.98
O2 GLC F . 1.06 42.07 2.80
O3 GLC F . 1.07 41.78 5.65
O4 GLC F . 2.72 43.55 6.97
O5 GLC F . 4.48 43.17 3.81
O6 GLC F . 6.20 44.46 5.21
C1 GLC F . 2.94 42.72 8.11
C2 GLC F . 1.72 42.68 9.01
C3 GLC F . 1.48 44.09 9.58
C4 GLC F . 2.73 44.64 10.27
C5 GLC F . 3.91 44.58 9.33
C6 GLC F . 5.19 44.92 10.15
O2 GLC F . 0.65 42.25 8.19
O3 GLC F . 0.48 44.08 10.56
O4 GLC F . 2.59 45.98 10.69
O5 GLC F . 4.01 43.22 8.84
O6 GLC F . 6.26 44.98 9.24
C1 GLC F . 2.30 46.21 12.09
C2 GLC F . 1.19 47.31 12.12
C3 GLC F . 1.80 48.64 11.60
C4 GLC F . 2.88 49.07 12.58
C5 GLC F . 3.94 47.97 12.61
C6 GLC F . 4.96 48.44 13.64
O2 GLC F . 0.11 46.98 11.27
O3 GLC F . 0.87 49.65 11.28
O4 GLC F . 3.50 50.30 12.22
O5 GLC F . 3.47 46.60 12.83
O6 GLC F . 5.88 47.40 13.66
C1 GLC G . 3.55 38.94 23.31
C2 GLC G . 3.21 40.28 22.59
C3 GLC G . 2.04 41.08 23.20
C4 GLC G . 0.82 40.18 23.49
C5 GLC G . 1.26 38.90 24.27
C6 GLC G . 0.25 37.76 24.18
O1 GLC G . 4.45 39.02 24.39
O2 GLC G . 4.37 41.08 22.44
O3 GLC G . 1.69 42.13 22.33
O4 GLC G . -0.23 40.83 24.25
O5 GLC G . 2.43 38.26 23.83
O6 GLC G . -0.47 37.84 22.95
C1 GLC G . -1.18 41.68 23.51
C2 GLC G . -1.41 42.94 24.38
C3 GLC G . -2.01 42.47 25.69
C4 GLC G . -3.34 41.72 25.52
C5 GLC G . -3.18 40.63 24.40
C6 GLC G . -4.48 39.90 24.02
O2 GLC G . -0.18 43.63 24.61
O3 GLC G . -2.09 43.57 26.55
O4 GLC G . -3.54 41.00 26.73
O5 GLC G . -2.48 41.11 23.25
O6 GLC G . -4.21 38.52 23.78
C1 GLC G . -4.65 41.38 27.59
C2 GLC G . -4.11 41.40 29.01
C3 GLC G . -3.79 39.97 29.46
C4 GLC G . -5.00 39.05 29.42
C5 GLC G . -5.54 39.17 27.98
C6 GLC G . -6.87 38.46 27.76
O2 GLC G . -2.92 42.18 29.06
O3 GLC G . -3.23 40.05 30.73
O4 GLC G . -4.48 37.75 29.70
O5 GLC G . -5.76 40.50 27.53
O6 GLC G . -6.84 37.49 28.76
C1 GLC G . -4.92 36.95 30.84
C2 GLC G . -3.77 36.53 31.75
C3 GLC G . -2.80 35.56 31.09
C4 GLC G . -3.50 34.25 30.85
C5 GLC G . -4.90 34.52 30.28
C6 GLC G . -5.83 33.46 30.80
O2 GLC G . -3.05 37.72 31.87
O3 GLC G . -1.69 35.24 31.87
O4 GLC G . -2.68 33.41 29.98
O5 GLC G . -5.59 35.79 30.44
O6 GLC G . -6.44 33.21 29.58
C1 GLC G . -2.59 32.06 30.49
C2 GLC G . -1.15 31.65 30.52
C3 GLC G . -0.61 31.57 29.07
C4 GLC G . -1.42 30.65 28.18
C5 GLC G . -2.89 31.09 28.36
C6 GLC G . -3.88 30.21 27.61
O2 GLC G . -0.42 32.67 31.21
O3 GLC G . 0.75 31.23 29.11
O4 GLC G . -1.12 31.03 26.85
O5 GLC G . -3.29 31.12 29.71
O6 GLC G . -3.58 28.87 27.89
C1 GLC G . 0.17 30.56 26.29
C2 GLC G . 0.23 30.74 24.78
C3 GLC G . -0.87 29.92 24.12
C4 GLC G . -0.78 28.44 24.49
C5 GLC G . -0.59 28.27 26.00
C6 GLC G . -0.09 26.81 26.21
O2 GLC G . 0.18 32.11 24.45
O3 GLC G . -0.94 30.14 22.72
O4 GLC G . -1.96 27.67 24.18
O5 GLC G . 0.37 29.17 26.54
O6 GLC G . 1.34 26.72 25.97
C1 GLC G . -2.32 27.43 22.82
C2 GLC G . -3.78 26.97 22.86
C3 GLC G . -3.86 25.63 23.61
C4 GLC G . -2.94 24.59 22.95
C5 GLC G . -1.52 25.14 22.81
C6 GLC G . -0.66 24.16 22.01
O2 GLC G . -4.49 27.85 23.66
O3 GLC G . -5.16 25.17 23.40
O4 GLC G . -2.99 23.35 23.64
O5 GLC G . -1.57 26.40 22.17
O6 GLC G . -1.23 23.92 20.73
C1 GLC H . 21.29 30.09 25.63
C2 GLC H . 20.47 28.87 25.22
C3 GLC H . 19.95 29.02 23.78
C4 GLC H . 18.95 30.19 23.75
C5 GLC H . 19.58 31.39 24.47
C6 GLC H . 18.44 32.24 25.06
O1 GLC H . 22.33 30.41 24.74
O2 GLC H . 21.25 27.74 25.47
O3 GLC H . 19.24 27.85 23.52
O4 GLC H . 18.52 30.57 22.44
O5 GLC H . 20.35 31.11 25.65
O6 GLC H . 18.37 33.23 24.13
C1 GLC H . 17.68 29.66 21.75
C2 GLC H . 17.44 30.23 20.37
C3 GLC H . 16.56 31.46 20.26
C4 GLC H . 15.29 31.21 21.07
C5 GLC H . 15.64 30.71 22.46
C6 GLC H . 14.38 30.43 23.26
O2 GLC H . 18.62 30.37 19.62
O3 GLC H . 16.18 31.74 18.94
O4 GLC H . 14.67 32.48 21.15
O5 GLC H . 16.40 29.49 22.39
O6 GLC H . 14.75 29.74 24.42
C1 GLC H . 13.33 32.60 20.64
C2 GLC H . 13.25 33.84 19.83
C3 GLC H . 13.59 35.09 20.69
C4 GLC H . 12.60 35.06 21.85
C5 GLC H . 12.63 33.76 22.62
C6 GLC H . 11.66 33.70 23.85
O2 GLC H . 14.09 33.61 18.73
O3 GLC H . 13.21 36.25 20.00
O4 GLC H . 12.86 36.16 22.72
O5 GLC H . 12.38 32.71 21.67
O6 GLC H . 10.33 33.75 23.34
C1 GLC H . 11.65 37.01 22.96
C2 GLC H . 11.95 38.44 22.55
C3 GLC H . 13.18 38.90 23.32
C4 GLC H . 12.89 38.77 24.81
C5 GLC H . 12.48 37.29 25.07
C6 GLC H . 12.38 36.88 26.53
O2 GLC H . 12.21 38.53 21.19
O3 GLC H . 13.46 40.22 23.03
O4 GLC H . 14.09 39.11 25.47
O5 GLC H . 11.28 37.00 24.33
O6 GLC H . 11.93 38.01 27.20
C1 GLC I . 7.36 31.53 -10.98
C2 GLC I . 7.60 31.42 -9.44
C3 GLC I . 6.28 31.32 -8.61
C4 GLC I . 5.21 32.37 -8.99
C5 GLC I . 5.11 32.23 -10.57
C6 GLC I . 4.12 33.08 -11.38
O1 GLC I . 6.99 30.37 -11.74
O2 GLC I . 8.51 30.40 -9.08
O3 GLC I . 6.42 31.16 -7.20
O4 GLC I . 4.03 31.92 -8.29
O5 GLC I . 6.36 32.49 -11.17
O6 GLC I . 3.15 33.69 -10.54
C1 GLC I . 3.65 32.49 -7.02
C2 GLC I . 3.25 31.50 -5.90
C3 GLC I . 1.85 30.80 -6.14
C4 GLC I . 0.77 31.83 -6.51
C5 GLC I . 1.37 32.62 -7.72
C6 GLC I . 0.41 33.60 -8.44
O2 GLC I . 4.35 30.59 -5.82
O3 GLC I . 1.27 29.88 -5.19
O4 GLC I . -0.37 31.06 -6.91
O5 GLC I . 2.54 33.27 -7.26
O6 GLC I . -0.25 34.30 -7.39
C1 GLC I . -1.68 31.34 -6.32
C2 GLC I . -2.25 29.99 -5.83
C3 GLC I . -2.77 29.03 -6.98
C4 GLC I . -3.64 29.84 -7.98
C5 GLC I . -2.83 31.10 -8.40
C6 GLC I . -3.44 31.88 -9.58
O2 GLC I . -1.25 29.41 -5.01
O3 GLC I . -3.39 27.80 -6.55
O4 GLC I . -4.18 29.09 -9.06
O5 GLC I . -2.58 31.94 -7.25
O6 GLC I . -4.72 32.30 -9.17
C1 GOL J . 12.88 21.39 21.76
O1 GOL J . 12.00 20.18 21.93
C2 GOL J . 13.73 21.96 22.93
O2 GOL J . 13.18 23.17 23.55
C3 GOL J . 15.17 22.37 22.56
O3 GOL J . 16.16 21.82 23.46
C1 GOL K . 16.65 17.89 -0.60
O1 GOL K . 15.71 18.51 -1.52
C2 GOL K . 16.16 16.59 0.12
O2 GOL K . 16.07 15.55 -0.82
C3 GOL K . 17.05 16.05 1.24
O3 GOL K . 17.25 16.93 2.40
MG MG L . 19.63 -0.22 18.43
#